data_4UUY
#
_entry.id   4UUY
#
_cell.length_a   56.250
_cell.length_b   77.534
_cell.length_c   84.508
_cell.angle_alpha   90.00
_cell.angle_beta   98.91
_cell.angle_gamma   90.00
#
_symmetry.space_group_name_H-M   'P 1 21 1'
#
loop_
_entity.id
_entity.type
_entity.pdbx_description
1 polymer 'VACUOLAR MEMBRANE PROTEIN PEP3'
2 non-polymer 'SULFATE ION'
3 non-polymer 1,2-ETHANEDIOL
4 non-polymer GLYCEROL
5 water water
#
_entity_poly.entity_id   1
_entity_poly.type   'polypeptide(L)'
_entity_poly.pdbx_seq_one_letter_code
;GSIKTRIEEVQLQFLTGNTELTHLKVSNDQLIVTTQRTIYRINLQDPAIVNHFDCPLSKELETIMNVHVSPMGSVILIRT
NFGRYMLLKDGEFTQLNKIKNLDLSSLHWINETTFLMGIKKTPKLYRVELTGKDITTKLWYENKKLSGGIDGIAYWEGSL
LLTIKDNILYWRDVTNMKFPLVLPDESEQFERLKHHAIKKFDSYNGLFAWVTSNGIVFGDLKEKQMEKDPASNNFGKFLS
SSKVLLNFELPDYQNDKDHLIKDIVLTAFHILLLRKNTVTMVSQLNNDVVFHETIPRHQLTGSNTDSNEKFLGLVRDSVK
ETFWCFSNINVFEIIIENEPNSVWNLLVR
;
_entity_poly.pdbx_strand_id   A,B
#
loop_
_chem_comp.id
_chem_comp.type
_chem_comp.name
_chem_comp.formula
EDO non-polymer 1,2-ETHANEDIOL 'C2 H6 O2'
GOL non-polymer GLYCEROL 'C3 H8 O3'
SO4 non-polymer 'SULFATE ION' 'O4 S -2'
#
# COMPACT_ATOMS: atom_id res chain seq x y z
N SER A 2 5.78 -21.50 -1.90
CA SER A 2 5.06 -21.85 -3.17
C SER A 2 3.75 -21.07 -3.42
N ILE A 3 3.73 -20.33 -4.51
CA ILE A 3 2.61 -19.46 -4.85
C ILE A 3 1.42 -20.28 -5.34
N LYS A 4 0.21 -19.87 -5.00
CA LYS A 4 -0.99 -20.50 -5.51
C LYS A 4 -1.85 -19.45 -6.19
N THR A 5 -2.12 -19.64 -7.48
CA THR A 5 -2.95 -18.74 -8.25
C THR A 5 -4.13 -19.51 -8.82
N ARG A 6 -5.29 -18.87 -8.85
CA ARG A 6 -6.44 -19.41 -9.58
C ARG A 6 -7.40 -18.30 -9.96
N ILE A 7 -8.27 -18.58 -10.92
CA ILE A 7 -9.21 -17.62 -11.43
C ILE A 7 -10.63 -18.06 -11.06
N GLU A 8 -11.40 -17.16 -10.46
CA GLU A 8 -12.75 -17.48 -10.06
C GLU A 8 -13.70 -16.45 -10.63
N GLU A 9 -14.79 -16.94 -11.21
CA GLU A 9 -15.82 -16.07 -11.75
C GLU A 9 -16.53 -15.37 -10.60
N VAL A 10 -16.86 -14.11 -10.83
CA VAL A 10 -17.60 -13.34 -9.87
C VAL A 10 -19.05 -13.21 -10.36
N GLN A 11 -20.00 -13.59 -9.51
CA GLN A 11 -21.42 -13.50 -9.86
C GLN A 11 -21.94 -12.05 -9.76
N LEU A 12 -22.38 -11.50 -10.90
CA LEU A 12 -22.88 -10.13 -10.98
C LEU A 12 -24.33 -10.10 -11.43
N GLN A 13 -25.20 -10.37 -10.49
CA GLN A 13 -26.61 -10.48 -10.81
C GLN A 13 -27.22 -9.22 -11.43
N PHE A 14 -26.75 -8.06 -10.99
CA PHE A 14 -27.32 -6.79 -11.43
C PHE A 14 -27.35 -6.56 -12.94
N LEU A 15 -26.71 -7.43 -13.72
CA LEU A 15 -26.57 -7.22 -15.16
C LEU A 15 -27.66 -7.86 -16.02
N THR A 16 -27.74 -9.20 -15.97
CA THR A 16 -28.65 -10.01 -16.81
C THR A 16 -28.19 -10.19 -18.28
N GLY A 17 -28.89 -11.07 -19.00
CA GLY A 17 -28.51 -11.53 -20.35
C GLY A 17 -28.29 -10.47 -21.40
N ASN A 18 -28.98 -9.34 -21.27
CA ASN A 18 -28.97 -8.29 -22.29
C ASN A 18 -27.68 -7.46 -22.36
N THR A 19 -27.40 -6.74 -21.28
CA THR A 19 -26.48 -5.64 -21.35
C THR A 19 -25.05 -6.11 -21.05
N GLU A 20 -24.11 -5.48 -21.73
CA GLU A 20 -22.71 -5.84 -21.65
C GLU A 20 -21.90 -4.88 -20.82
N LEU A 21 -20.83 -5.43 -20.26
CA LEU A 21 -19.85 -4.66 -19.53
C LEU A 21 -18.89 -3.98 -20.49
N THR A 22 -18.49 -2.77 -20.16
CA THR A 22 -17.49 -2.02 -20.94
C THR A 22 -16.26 -1.61 -20.12
N HIS A 23 -16.43 -1.38 -18.82
CA HIS A 23 -15.28 -1.07 -17.95
C HIS A 23 -15.45 -1.66 -16.57
N LEU A 24 -14.30 -1.96 -15.96
CA LEU A 24 -14.24 -2.42 -14.58
C LEU A 24 -13.09 -1.72 -13.87
N LYS A 25 -13.36 -1.20 -12.69
CA LYS A 25 -12.31 -0.76 -11.78
C LYS A 25 -12.61 -1.30 -10.41
N VAL A 26 -11.56 -1.55 -9.63
CA VAL A 26 -11.75 -1.97 -8.24
C VAL A 26 -10.84 -1.17 -7.35
N SER A 27 -11.43 -0.60 -6.30
CA SER A 27 -10.69 0.29 -5.44
C SER A 27 -11.22 0.21 -4.03
N ASN A 28 -10.34 -0.07 -3.07
CA ASN A 28 -10.72 -0.17 -1.68
C ASN A 28 -11.90 -1.12 -1.43
N ASP A 29 -11.84 -2.29 -2.08
CA ASP A 29 -12.95 -3.28 -2.06
C ASP A 29 -14.27 -2.82 -2.67
N GLN A 30 -14.25 -1.70 -3.38
CA GLN A 30 -15.42 -1.23 -4.12
C GLN A 30 -15.21 -1.59 -5.58
N LEU A 31 -16.11 -2.43 -6.09
CA LEU A 31 -16.06 -2.81 -7.46
C LEU A 31 -16.93 -1.86 -8.28
N ILE A 32 -16.35 -1.32 -9.34
CA ILE A 32 -17.07 -0.40 -10.22
C ILE A 32 -17.08 -0.99 -11.61
N VAL A 33 -18.28 -1.36 -12.07
CA VAL A 33 -18.52 -1.83 -13.42
C VAL A 33 -19.41 -0.85 -14.17
N THR A 34 -19.16 -0.67 -15.46
CA THR A 34 -20.00 0.16 -16.30
C THR A 34 -20.46 -0.61 -17.51
N THR A 35 -21.66 -0.26 -17.96
CA THR A 35 -22.17 -0.66 -19.24
C THR A 35 -21.99 0.55 -20.15
N GLN A 36 -22.75 0.62 -21.24
CA GLN A 36 -22.77 1.79 -22.12
C GLN A 36 -23.17 3.07 -21.38
N ARG A 37 -24.18 2.96 -20.51
CA ARG A 37 -24.83 4.13 -19.90
C ARG A 37 -24.93 4.16 -18.37
N THR A 38 -24.62 3.05 -17.69
CA THR A 38 -24.85 2.93 -16.26
C THR A 38 -23.56 2.53 -15.55
N ILE A 39 -23.39 3.07 -14.34
CA ILE A 39 -22.26 2.80 -13.49
C ILE A 39 -22.76 2.11 -12.24
N TYR A 40 -22.24 0.90 -11.99
CA TYR A 40 -22.62 0.10 -10.82
C TYR A 40 -21.47 0.05 -9.83
N ARG A 41 -21.78 0.24 -8.54
CA ARG A 41 -20.80 0.17 -7.45
C ARG A 41 -21.28 -0.86 -6.46
N ILE A 42 -20.39 -1.81 -6.16
CA ILE A 42 -20.66 -2.88 -5.22
C ILE A 42 -19.52 -3.01 -4.21
N ASN A 43 -19.88 -3.07 -2.95
CA ASN A 43 -18.93 -3.33 -1.90
C ASN A 43 -18.69 -4.83 -1.84
N LEU A 44 -17.46 -5.22 -2.12
CA LEU A 44 -17.15 -6.64 -2.12
C LEU A 44 -17.33 -7.29 -0.77
N GLN A 45 -17.35 -6.51 0.31
CA GLN A 45 -17.55 -7.08 1.63
C GLN A 45 -19.02 -7.34 1.90
N ASP A 46 -19.88 -6.74 1.07
CA ASP A 46 -21.34 -6.93 1.16
C ASP A 46 -21.94 -6.89 -0.25
N PRO A 47 -21.69 -7.92 -1.07
CA PRO A 47 -22.03 -7.88 -2.51
C PRO A 47 -23.49 -7.80 -2.95
N ALA A 48 -24.44 -8.11 -2.08
CA ALA A 48 -25.86 -8.07 -2.43
C ALA A 48 -26.45 -6.65 -2.43
N ILE A 49 -25.70 -5.70 -1.89
CA ILE A 49 -26.06 -4.29 -2.01
C ILE A 49 -25.38 -3.79 -3.28
N VAL A 50 -26.21 -3.42 -4.23
CA VAL A 50 -25.75 -2.90 -5.50
C VAL A 50 -26.29 -1.48 -5.64
N ASN A 51 -25.40 -0.52 -5.83
CA ASN A 51 -25.82 0.85 -6.12
C ASN A 51 -25.59 1.06 -7.59
N HIS A 52 -26.40 1.91 -8.19
CA HIS A 52 -26.20 2.24 -9.60
C HIS A 52 -26.43 3.72 -9.82
N PHE A 53 -25.78 4.23 -10.85
CA PHE A 53 -25.80 5.64 -11.19
C PHE A 53 -25.95 5.76 -12.69
N ASP A 54 -27.03 6.37 -13.13
CA ASP A 54 -27.29 6.55 -14.56
C ASP A 54 -26.49 7.75 -15.05
N CYS A 55 -25.54 7.52 -15.94
CA CYS A 55 -24.71 8.63 -16.42
C CYS A 55 -25.67 9.58 -17.12
N PRO A 56 -25.62 10.89 -16.79
CA PRO A 56 -26.60 11.85 -17.32
C PRO A 56 -26.30 12.17 -18.78
N LEU A 57 -26.57 11.21 -19.65
CA LEU A 57 -26.18 11.32 -21.04
C LEU A 57 -27.24 12.08 -21.81
N SER A 58 -26.93 13.32 -22.17
CA SER A 58 -27.67 14.02 -23.22
C SER A 58 -27.39 13.25 -24.51
N LYS A 59 -28.29 13.35 -25.48
CA LYS A 59 -28.14 12.66 -26.76
C LYS A 59 -28.33 11.13 -26.66
N GLU A 60 -28.70 10.54 -27.78
CA GLU A 60 -29.03 9.12 -27.86
C GLU A 60 -27.79 8.23 -28.11
N LEU A 61 -26.88 8.69 -28.96
CA LEU A 61 -25.68 7.94 -29.30
C LEU A 61 -24.55 8.17 -28.30
N GLU A 62 -24.82 8.91 -27.23
CA GLU A 62 -23.78 9.15 -26.23
C GLU A 62 -23.68 7.98 -25.25
N THR A 63 -22.46 7.50 -25.05
CA THR A 63 -22.16 6.41 -24.12
C THR A 63 -20.88 6.70 -23.36
N ILE A 64 -20.61 5.87 -22.35
CA ILE A 64 -19.41 5.99 -21.54
C ILE A 64 -18.23 5.43 -22.31
N MET A 65 -17.16 6.20 -22.42
CA MET A 65 -15.99 5.79 -23.19
C MET A 65 -14.81 5.38 -22.29
N ASN A 66 -14.54 6.18 -21.26
CA ASN A 66 -13.44 5.92 -20.34
C ASN A 66 -13.90 6.18 -18.90
N VAL A 67 -13.32 5.42 -17.98
CA VAL A 67 -13.61 5.51 -16.56
C VAL A 67 -12.26 5.56 -15.87
N HIS A 68 -12.05 6.60 -15.07
CA HIS A 68 -10.81 6.76 -14.34
C HIS A 68 -11.15 6.95 -12.88
N VAL A 69 -10.61 6.09 -12.03
CA VAL A 69 -10.96 6.04 -10.62
C VAL A 69 -9.71 6.34 -9.87
N SER A 70 -9.82 7.15 -8.82
CA SER A 70 -8.70 7.52 -8.01
C SER A 70 -8.18 6.28 -7.27
N PRO A 71 -6.89 6.29 -6.89
CA PRO A 71 -6.30 5.07 -6.32
C PRO A 71 -7.15 4.44 -5.21
N MET A 72 -7.72 5.26 -4.33
CA MET A 72 -8.50 4.76 -3.21
C MET A 72 -10.02 4.77 -3.38
N GLY A 73 -10.49 5.11 -4.57
CA GLY A 73 -11.91 5.00 -4.89
C GLY A 73 -12.79 6.22 -4.60
N SER A 74 -12.22 7.32 -4.12
CA SER A 74 -13.04 8.46 -3.67
C SER A 74 -13.68 9.23 -4.82
N VAL A 75 -13.00 9.26 -5.97
CA VAL A 75 -13.55 9.94 -7.12
C VAL A 75 -13.54 9.07 -8.38
N ILE A 76 -14.61 9.19 -9.15
CA ILE A 76 -14.81 8.51 -10.40
C ILE A 76 -14.92 9.56 -11.53
N LEU A 77 -13.96 9.58 -12.43
CA LEU A 77 -13.96 10.53 -13.52
C LEU A 77 -14.43 9.78 -14.74
N ILE A 78 -15.53 10.26 -15.34
CA ILE A 78 -16.12 9.63 -16.53
C ILE A 78 -15.95 10.50 -17.78
N ARG A 79 -15.54 9.88 -18.89
N ARG A 79 -15.54 9.87 -18.88
CA ARG A 79 -15.53 10.53 -20.21
CA ARG A 79 -15.52 10.51 -20.20
C ARG A 79 -16.51 9.83 -21.12
C ARG A 79 -16.52 9.82 -21.11
N THR A 80 -17.31 10.61 -21.85
CA THR A 80 -18.23 10.05 -22.83
C THR A 80 -17.64 10.10 -24.22
N ASN A 81 -18.30 9.44 -25.14
CA ASN A 81 -17.83 9.43 -26.51
C ASN A 81 -18.17 10.74 -27.23
N PHE A 82 -18.95 11.59 -26.58
CA PHE A 82 -19.20 12.95 -27.07
C PHE A 82 -18.27 14.01 -26.41
N GLY A 83 -17.17 13.56 -25.79
CA GLY A 83 -16.16 14.48 -25.27
C GLY A 83 -16.43 15.09 -23.89
N ARG A 84 -17.53 14.72 -23.25
CA ARG A 84 -17.87 15.29 -21.96
C ARG A 84 -17.09 14.59 -20.83
N TYR A 85 -16.59 15.37 -19.88
CA TYR A 85 -15.94 14.84 -18.69
C TYR A 85 -16.81 15.20 -17.50
N MET A 86 -16.99 14.24 -16.60
CA MET A 86 -17.76 14.49 -15.38
C MET A 86 -17.24 13.68 -14.17
N LEU A 87 -17.32 14.28 -12.99
CA LEU A 87 -17.00 13.55 -11.76
C LEU A 87 -18.25 12.93 -11.17
N LEU A 88 -18.13 11.70 -10.73
CA LEU A 88 -19.17 11.07 -9.99
C LEU A 88 -18.61 10.95 -8.58
N LYS A 89 -19.30 11.58 -7.62
CA LYS A 89 -18.84 11.60 -6.24
C LYS A 89 -20.04 11.58 -5.33
N ASP A 90 -20.03 10.64 -4.38
CA ASP A 90 -21.14 10.48 -3.43
C ASP A 90 -22.48 10.55 -4.13
N GLY A 91 -22.61 9.87 -5.27
CA GLY A 91 -23.89 9.76 -5.97
C GLY A 91 -24.33 10.92 -6.85
N GLU A 92 -23.45 11.91 -7.01
CA GLU A 92 -23.78 13.07 -7.85
C GLU A 92 -22.73 13.32 -8.94
N PHE A 93 -23.18 13.80 -10.09
CA PHE A 93 -22.31 14.10 -11.21
C PHE A 93 -22.00 15.58 -11.30
N THR A 94 -20.72 15.92 -11.42
CA THR A 94 -20.32 17.28 -11.71
C THR A 94 -19.66 17.31 -13.10
N GLN A 95 -20.16 18.17 -13.98
CA GLN A 95 -19.58 18.35 -15.32
C GLN A 95 -18.31 19.20 -15.27
N LEU A 96 -17.30 18.84 -16.03
CA LEU A 96 -16.05 19.60 -16.09
C LEU A 96 -15.94 20.19 -17.49
N ASN A 97 -16.62 21.31 -17.69
CA ASN A 97 -16.70 21.93 -19.02
C ASN A 97 -15.39 22.50 -19.51
N LYS A 98 -14.47 22.72 -18.58
CA LYS A 98 -13.17 23.27 -18.93
C LYS A 98 -12.35 22.31 -19.81
N ILE A 99 -12.68 21.02 -19.79
CA ILE A 99 -11.96 20.06 -20.63
C ILE A 99 -12.86 19.32 -21.61
N LYS A 100 -13.99 19.92 -21.96
CA LYS A 100 -14.89 19.25 -22.91
C LYS A 100 -14.17 19.07 -24.25
N ASN A 101 -14.23 17.84 -24.77
CA ASN A 101 -13.59 17.42 -26.03
C ASN A 101 -12.07 17.21 -25.98
N LEU A 102 -11.48 17.34 -24.81
CA LEU A 102 -10.08 17.01 -24.64
C LEU A 102 -9.88 15.56 -25.01
N ASP A 103 -8.83 15.31 -25.76
CA ASP A 103 -8.45 13.96 -26.16
C ASP A 103 -7.14 13.58 -25.46
N LEU A 104 -7.22 12.60 -24.59
CA LEU A 104 -6.07 12.13 -23.82
C LEU A 104 -5.44 10.84 -24.34
N SER A 105 -4.11 10.77 -24.27
CA SER A 105 -3.38 9.56 -24.59
C SER A 105 -3.11 8.75 -23.32
N SER A 106 -3.08 9.43 -22.17
N SER A 106 -3.09 9.41 -22.18
CA SER A 106 -2.75 8.79 -20.91
CA SER A 106 -2.90 8.73 -20.91
C SER A 106 -3.23 9.62 -19.72
C SER A 106 -3.26 9.61 -19.73
N LEU A 107 -3.58 8.95 -18.63
CA LEU A 107 -3.98 9.60 -17.37
C LEU A 107 -3.47 8.74 -16.23
N HIS A 108 -2.75 9.35 -15.30
CA HIS A 108 -2.20 8.65 -14.16
C HIS A 108 -2.44 9.47 -12.88
N TRP A 109 -3.17 8.89 -11.94
CA TRP A 109 -3.45 9.54 -10.64
C TRP A 109 -2.21 9.60 -9.80
N ILE A 110 -1.99 10.76 -9.17
CA ILE A 110 -0.94 10.88 -8.16
C ILE A 110 -1.53 10.71 -6.76
N ASN A 111 -2.74 11.21 -6.55
CA ASN A 111 -3.44 11.05 -5.29
C ASN A 111 -4.94 11.19 -5.51
N GLU A 112 -5.71 11.40 -4.47
CA GLU A 112 -7.16 11.44 -4.64
C GLU A 112 -7.70 12.70 -5.30
N THR A 113 -6.86 13.71 -5.51
CA THR A 113 -7.31 14.96 -6.11
C THR A 113 -6.51 15.38 -7.34
N THR A 114 -5.52 14.58 -7.73
CA THR A 114 -4.50 15.07 -8.65
C THR A 114 -4.10 13.99 -9.63
N PHE A 115 -4.10 14.31 -10.92
CA PHE A 115 -3.59 13.37 -11.92
C PHE A 115 -2.75 14.07 -12.97
N LEU A 116 -1.91 13.26 -13.63
CA LEU A 116 -1.12 13.72 -14.74
C LEU A 116 -1.76 13.21 -16.02
N MET A 117 -1.77 14.03 -17.06
CA MET A 117 -2.41 13.66 -18.29
C MET A 117 -1.57 14.04 -19.49
N GLY A 118 -1.60 13.14 -20.46
CA GLY A 118 -0.99 13.37 -21.76
C GLY A 118 -2.07 13.59 -22.79
N ILE A 119 -1.84 14.54 -23.67
CA ILE A 119 -2.78 14.82 -24.76
C ILE A 119 -2.36 14.04 -25.99
N LYS A 120 -3.33 13.54 -26.75
CA LYS A 120 -3.05 12.68 -27.88
C LYS A 120 -2.20 13.36 -28.94
N LYS A 121 -1.30 12.58 -29.55
CA LYS A 121 -0.47 13.01 -30.67
C LYS A 121 0.51 14.17 -30.39
N THR A 122 0.63 14.62 -29.16
CA THR A 122 1.62 15.64 -28.86
C THR A 122 2.34 15.31 -27.53
N PRO A 123 3.66 15.56 -27.47
CA PRO A 123 4.42 15.28 -26.25
C PRO A 123 4.34 16.44 -25.26
N LYS A 124 3.19 16.52 -24.63
CA LYS A 124 2.89 17.51 -23.58
C LYS A 124 2.24 16.77 -22.43
N LEU A 125 2.72 17.01 -21.21
CA LEU A 125 2.11 16.47 -19.99
C LEU A 125 1.62 17.59 -19.09
N TYR A 126 0.38 17.47 -18.60
CA TYR A 126 -0.22 18.46 -17.71
C TYR A 126 -0.59 17.87 -16.36
N ARG A 127 -0.39 18.63 -15.30
CA ARG A 127 -0.87 18.20 -13.99
C ARG A 127 -2.25 18.83 -13.81
N VAL A 128 -3.22 18.00 -13.43
CA VAL A 128 -4.57 18.45 -13.15
C VAL A 128 -4.92 18.19 -11.67
N GLU A 129 -5.47 19.21 -11.05
CA GLU A 129 -5.87 19.15 -9.66
C GLU A 129 -7.38 19.41 -9.64
N LEU A 130 -8.11 18.55 -8.96
CA LEU A 130 -9.55 18.71 -8.82
C LEU A 130 -9.82 19.59 -7.61
N THR A 131 -10.70 20.56 -7.76
CA THR A 131 -11.09 21.46 -6.68
C THR A 131 -12.47 21.12 -6.10
N GLY A 132 -13.19 20.20 -6.74
CA GLY A 132 -14.56 19.86 -6.37
C GLY A 132 -15.52 20.25 -7.48
N LYS A 133 -15.61 21.55 -7.72
CA LYS A 133 -16.43 22.09 -8.80
C LYS A 133 -15.68 22.17 -10.13
N ASP A 134 -14.35 22.16 -10.08
CA ASP A 134 -13.56 22.54 -11.24
C ASP A 134 -12.16 21.96 -11.14
N ILE A 135 -11.27 22.43 -12.00
CA ILE A 135 -9.91 21.93 -12.05
C ILE A 135 -8.97 23.11 -12.18
N THR A 136 -7.71 22.90 -11.82
CA THR A 136 -6.62 23.82 -12.18
C THR A 136 -5.64 22.96 -12.99
N THR A 137 -4.81 23.61 -13.81
CA THR A 137 -3.88 22.92 -14.66
C THR A 137 -2.53 23.59 -14.62
N LYS A 138 -1.53 22.77 -14.91
CA LYS A 138 -0.17 23.24 -15.01
C LYS A 138 0.58 22.34 -16.01
N LEU A 139 1.32 22.96 -16.92
CA LEU A 139 2.17 22.23 -17.85
C LEU A 139 3.40 21.69 -17.14
N TRP A 140 3.53 20.37 -17.14
CA TRP A 140 4.66 19.70 -16.51
C TRP A 140 5.79 19.40 -17.49
N TYR A 141 5.45 19.07 -18.72
CA TYR A 141 6.44 18.65 -19.67
C TYR A 141 6.01 18.97 -21.08
N GLU A 142 6.95 19.53 -21.86
CA GLU A 142 6.80 19.51 -23.32
C GLU A 142 8.15 19.44 -24.01
N ASN A 143 8.17 18.70 -25.11
CA ASN A 143 9.33 18.68 -25.99
C ASN A 143 8.88 18.50 -27.43
N LYS A 144 9.01 19.57 -28.21
CA LYS A 144 8.55 19.58 -29.60
C LYS A 144 9.48 18.83 -30.54
N LYS A 145 10.73 18.59 -30.14
CA LYS A 145 11.65 17.73 -30.91
C LYS A 145 11.15 16.30 -31.07
N LEU A 146 10.36 15.82 -30.10
CA LEU A 146 9.81 14.47 -30.17
C LEU A 146 8.43 14.50 -30.79
N SER A 147 7.95 13.34 -31.22
CA SER A 147 6.60 13.22 -31.73
C SER A 147 5.85 12.04 -31.11
N GLY A 148 4.54 12.07 -31.26
CA GLY A 148 3.63 11.10 -30.67
C GLY A 148 3.14 11.64 -29.33
N GLY A 149 2.10 11.00 -28.80
CA GLY A 149 1.61 11.34 -27.50
C GLY A 149 2.30 10.53 -26.40
N ILE A 150 2.20 10.99 -25.16
CA ILE A 150 2.66 10.20 -24.01
C ILE A 150 1.70 9.03 -23.80
N ASP A 151 2.22 7.81 -23.85
CA ASP A 151 1.41 6.59 -23.66
CA ASP A 151 1.39 6.60 -23.65
C ASP A 151 1.58 5.96 -22.29
N GLY A 152 2.68 6.27 -21.60
CA GLY A 152 3.01 5.63 -20.31
C GLY A 152 3.44 6.70 -19.33
N ILE A 153 2.87 6.66 -18.11
CA ILE A 153 3.21 7.57 -17.04
C ILE A 153 3.37 6.83 -15.70
N ALA A 154 4.46 7.11 -15.01
CA ALA A 154 4.67 6.63 -13.66
C ALA A 154 5.23 7.78 -12.85
N TYR A 155 4.79 7.88 -11.60
CA TYR A 155 5.27 8.90 -10.71
C TYR A 155 5.46 8.29 -9.34
N TRP A 156 6.63 8.48 -8.74
CA TRP A 156 6.86 8.04 -7.36
C TRP A 156 7.76 9.00 -6.63
N GLU A 157 7.18 9.72 -5.67
CA GLU A 157 7.98 10.55 -4.74
C GLU A 157 8.90 11.54 -5.41
N GLY A 158 8.44 12.20 -6.45
CA GLY A 158 9.27 13.12 -7.20
C GLY A 158 9.82 12.49 -8.47
N SER A 159 10.01 11.18 -8.51
CA SER A 159 10.51 10.52 -9.72
C SER A 159 9.42 10.34 -10.76
N LEU A 160 9.74 10.67 -12.01
CA LEU A 160 8.80 10.65 -13.11
C LEU A 160 9.34 9.80 -14.24
N LEU A 161 8.47 9.01 -14.83
CA LEU A 161 8.80 8.18 -15.96
C LEU A 161 7.73 8.43 -17.02
N LEU A 162 8.16 8.62 -18.26
CA LEU A 162 7.26 8.78 -19.40
C LEU A 162 7.69 7.94 -20.60
N THR A 163 6.73 7.39 -21.33
CA THR A 163 6.99 6.77 -22.61
C THR A 163 6.30 7.53 -23.75
N ILE A 164 7.06 7.80 -24.80
CA ILE A 164 6.63 8.48 -25.98
C ILE A 164 7.19 7.69 -27.15
N LYS A 165 6.32 6.94 -27.83
CA LYS A 165 6.75 6.02 -28.87
C LYS A 165 7.85 5.10 -28.30
N ASP A 166 9.04 5.12 -28.92
CA ASP A 166 10.17 4.25 -28.57
C ASP A 166 10.97 4.75 -27.35
N ASN A 167 10.69 5.98 -26.93
CA ASN A 167 11.45 6.61 -25.86
C ASN A 167 10.83 6.37 -24.49
N ILE A 168 11.69 6.08 -23.54
CA ILE A 168 11.31 6.11 -22.13
C ILE A 168 12.20 7.18 -21.49
N LEU A 169 11.56 8.08 -20.78
CA LEU A 169 12.20 9.26 -20.22
C LEU A 169 12.08 9.20 -18.70
N TYR A 170 13.16 9.57 -18.00
CA TYR A 170 13.24 9.45 -16.56
C TYR A 170 13.78 10.69 -15.92
N TRP A 171 13.10 11.12 -14.86
CA TRP A 171 13.60 12.16 -13.98
C TRP A 171 13.71 11.61 -12.56
N ARG A 172 14.84 11.84 -11.92
CA ARG A 172 15.05 11.36 -10.54
C ARG A 172 14.13 12.05 -9.55
N ASP A 173 14.15 13.38 -9.56
CA ASP A 173 13.32 14.20 -8.69
C ASP A 173 12.94 15.51 -9.37
N VAL A 174 11.69 15.58 -9.79
CA VAL A 174 11.18 16.77 -10.48
C VAL A 174 10.82 17.92 -9.54
N THR A 175 10.73 17.65 -8.23
CA THR A 175 10.05 18.56 -7.30
C THR A 175 10.72 19.91 -7.11
N ASN A 176 12.04 19.99 -7.31
CA ASN A 176 12.74 21.26 -7.24
C ASN A 176 13.35 21.69 -8.57
N MET A 177 12.81 21.17 -9.67
CA MET A 177 13.31 21.48 -11.00
C MET A 177 12.47 22.56 -11.65
N LYS A 178 13.00 23.12 -12.72
CA LYS A 178 12.32 24.12 -13.52
C LYS A 178 11.19 23.48 -14.37
N PHE A 179 10.02 24.12 -14.38
CA PHE A 179 8.90 23.68 -15.22
C PHE A 179 8.58 24.68 -16.36
N PRO A 180 8.18 24.17 -17.53
CA PRO A 180 7.99 22.77 -17.83
C PRO A 180 9.29 21.99 -17.96
N LEU A 181 9.20 20.70 -17.65
CA LEU A 181 10.31 19.79 -17.87
C LEU A 181 10.47 19.64 -19.37
N VAL A 182 11.70 19.45 -19.85
CA VAL A 182 11.99 19.24 -21.28
C VAL A 182 12.94 18.04 -21.50
N LEU A 183 14.17 18.16 -21.02
CA LEU A 183 15.14 17.06 -21.12
C LEU A 183 15.18 16.25 -19.81
N PRO A 184 15.04 14.92 -19.91
CA PRO A 184 15.09 14.08 -18.72
C PRO A 184 16.50 13.88 -18.22
N ASP A 185 16.62 13.37 -17.00
CA ASP A 185 17.90 12.97 -16.46
C ASP A 185 18.49 11.83 -17.30
N GLU A 186 17.65 10.90 -17.73
CA GLU A 186 18.05 9.77 -18.60
C GLU A 186 16.94 9.49 -19.60
N SER A 187 17.32 8.88 -20.72
CA SER A 187 16.36 8.37 -21.70
C SER A 187 16.90 7.12 -22.37
N GLU A 188 16.02 6.20 -22.71
CA GLU A 188 16.39 4.99 -23.48
C GLU A 188 15.41 4.77 -24.63
N GLN A 189 15.84 4.02 -25.64
CA GLN A 189 14.97 3.64 -26.72
C GLN A 189 14.74 2.12 -26.75
N PHE A 190 13.48 1.73 -26.86
CA PHE A 190 13.08 0.34 -27.13
C PHE A 190 12.04 0.29 -28.26
N GLU A 191 12.23 -0.57 -29.25
CA GLU A 191 11.26 -0.69 -30.35
C GLU A 191 9.89 -0.90 -29.74
N ARG A 192 8.97 0.03 -30.03
CA ARG A 192 7.67 0.03 -29.39
C ARG A 192 6.77 -1.03 -29.95
N LEU A 193 5.76 -1.40 -29.19
CA LEU A 193 4.76 -2.34 -29.65
C LEU A 193 3.86 -1.60 -30.64
N LYS A 194 3.96 -1.94 -31.91
CA LYS A 194 3.10 -1.32 -32.93
C LYS A 194 1.92 -2.24 -33.22
N HIS A 195 0.93 -2.10 -32.35
CA HIS A 195 -0.35 -2.77 -32.47
C HIS A 195 -1.17 -2.22 -31.31
N HIS A 196 -2.48 -2.05 -31.52
CA HIS A 196 -3.39 -1.64 -30.47
C HIS A 196 -3.27 -2.62 -29.29
N ALA A 197 -3.21 -2.06 -28.09
CA ALA A 197 -3.37 -2.84 -26.85
C ALA A 197 -4.37 -2.09 -25.96
N ILE A 198 -4.93 -2.77 -24.96
CA ILE A 198 -5.74 -2.10 -23.94
C ILE A 198 -4.84 -1.15 -23.14
N LYS A 199 -3.73 -1.67 -22.63
CA LYS A 199 -2.66 -0.86 -22.03
C LYS A 199 -1.33 -1.48 -22.45
N LYS A 200 -0.31 -0.63 -22.58
N LYS A 200 -0.31 -0.63 -22.58
CA LYS A 200 1.05 -1.10 -22.80
CA LYS A 200 1.05 -1.10 -22.79
C LYS A 200 1.97 -0.73 -21.65
C LYS A 200 1.97 -0.74 -21.64
N PHE A 201 1.43 -0.12 -20.58
CA PHE A 201 2.23 0.40 -19.51
C PHE A 201 1.46 0.38 -18.21
N ASP A 202 2.14 0.03 -17.13
CA ASP A 202 1.48 -0.01 -15.84
C ASP A 202 2.49 0.36 -14.79
N SER A 203 2.00 0.89 -13.67
CA SER A 203 2.85 1.13 -12.50
C SER A 203 2.06 0.88 -11.21
N TYR A 204 2.81 0.61 -10.15
CA TYR A 204 2.27 0.26 -8.86
C TYR A 204 3.36 0.34 -7.81
N ASN A 205 3.12 1.11 -6.77
CA ASN A 205 4.06 1.11 -5.66
C ASN A 205 5.46 1.56 -6.11
N GLY A 206 5.55 2.44 -7.12
CA GLY A 206 6.85 2.80 -7.70
C GLY A 206 7.41 1.82 -8.74
N LEU A 207 6.78 0.65 -8.86
CA LEU A 207 7.18 -0.32 -9.86
C LEU A 207 6.58 0.12 -11.19
N PHE A 208 7.24 -0.24 -12.30
CA PHE A 208 6.76 0.09 -13.63
C PHE A 208 7.04 -1.04 -14.59
N ALA A 209 6.22 -1.14 -15.62
CA ALA A 209 6.36 -2.16 -16.63
C ALA A 209 5.80 -1.63 -17.91
N TRP A 210 6.48 -1.95 -19.01
CA TRP A 210 6.21 -1.33 -20.32
C TRP A 210 6.33 -2.41 -21.35
N VAL A 211 5.24 -2.66 -22.08
CA VAL A 211 5.25 -3.68 -23.12
C VAL A 211 5.81 -3.06 -24.37
N THR A 212 6.84 -3.69 -24.92
CA THR A 212 7.46 -3.19 -26.16
C THR A 212 7.48 -4.33 -27.20
N SER A 213 7.97 -4.05 -28.39
CA SER A 213 7.98 -5.07 -29.45
C SER A 213 8.68 -6.37 -29.06
N ASN A 214 9.83 -6.25 -28.44
CA ASN A 214 10.63 -7.42 -28.10
C ASN A 214 10.37 -8.05 -26.73
N GLY A 215 9.60 -7.40 -25.88
CA GLY A 215 9.40 -7.87 -24.52
C GLY A 215 8.86 -6.81 -23.58
N ILE A 216 8.92 -7.08 -22.29
CA ILE A 216 8.42 -6.15 -21.25
C ILE A 216 9.62 -5.62 -20.55
N VAL A 217 9.72 -4.30 -20.50
CA VAL A 217 10.76 -3.65 -19.76
C VAL A 217 10.14 -3.26 -18.42
N PHE A 218 10.79 -3.62 -17.32
CA PHE A 218 10.28 -3.28 -16.00
C PHE A 218 11.38 -2.97 -15.00
N GLY A 219 10.96 -2.29 -13.94
CA GLY A 219 11.83 -1.89 -12.87
C GLY A 219 11.07 -1.25 -11.72
N ASP A 220 11.78 -0.39 -10.98
CA ASP A 220 11.34 0.03 -9.66
C ASP A 220 11.94 1.40 -9.40
N LEU A 221 11.09 2.42 -9.43
CA LEU A 221 11.50 3.78 -9.09
C LEU A 221 12.00 3.96 -7.63
N LYS A 222 11.72 3.00 -6.75
CA LYS A 222 12.17 3.11 -5.36
C LYS A 222 13.68 2.84 -5.23
N GLU A 223 14.22 2.17 -6.25
CA GLU A 223 15.68 1.98 -6.55
C GLU A 223 16.20 0.58 -6.20
N PHE A 235 23.70 5.82 -10.60
CA PHE A 235 23.52 7.24 -10.97
C PHE A 235 23.77 7.46 -12.46
N GLY A 236 22.73 7.91 -13.17
CA GLY A 236 22.77 7.98 -14.62
C GLY A 236 22.59 6.62 -15.29
N LYS A 237 22.29 5.59 -14.50
CA LYS A 237 22.15 4.23 -15.02
C LYS A 237 20.87 3.59 -14.57
N PHE A 238 19.91 4.40 -14.14
CA PHE A 238 18.65 3.86 -13.66
C PHE A 238 17.94 3.08 -14.74
N LEU A 239 17.78 3.71 -15.89
CA LEU A 239 17.02 3.09 -16.96
C LEU A 239 17.74 1.86 -17.49
N SER A 240 19.05 1.95 -17.57
CA SER A 240 19.89 0.83 -18.01
C SER A 240 19.80 -0.37 -17.08
N SER A 241 19.60 -0.14 -15.79
CA SER A 241 19.39 -1.25 -14.85
C SER A 241 18.00 -1.88 -14.94
N SER A 242 17.14 -1.41 -15.84
CA SER A 242 15.83 -2.03 -16.01
C SER A 242 15.94 -3.51 -16.37
N LYS A 243 14.99 -4.31 -15.90
CA LYS A 243 14.90 -5.71 -16.29
C LYS A 243 14.03 -5.86 -17.53
N VAL A 244 14.23 -6.96 -18.25
CA VAL A 244 13.40 -7.36 -19.36
C VAL A 244 12.89 -8.80 -19.22
N LEU A 245 11.63 -9.01 -19.57
CA LEU A 245 11.10 -10.32 -19.82
C LEU A 245 10.84 -10.38 -21.33
N LEU A 246 11.61 -11.18 -22.05
CA LEU A 246 11.59 -11.15 -23.50
C LEU A 246 10.55 -12.11 -24.04
N ASN A 247 10.07 -11.86 -25.26
CA ASN A 247 8.94 -12.63 -25.80
C ASN A 247 9.20 -14.14 -25.80
N PHE A 248 10.41 -14.52 -26.09
CA PHE A 248 10.71 -15.94 -26.18
C PHE A 248 10.81 -16.60 -24.82
N GLU A 249 10.71 -15.82 -23.74
CA GLU A 249 10.63 -16.38 -22.40
C GLU A 249 9.20 -16.76 -22.02
N LEU A 250 8.23 -16.39 -22.85
CA LEU A 250 6.83 -16.61 -22.53
C LEU A 250 6.28 -17.88 -23.17
N PRO A 251 5.30 -18.53 -22.51
CA PRO A 251 4.75 -19.76 -23.08
C PRO A 251 3.97 -19.44 -24.35
N ASP A 252 4.01 -20.35 -25.32
CA ASP A 252 3.33 -20.17 -26.60
C ASP A 252 3.95 -19.03 -27.40
N LEU A 260 -0.30 -11.83 -29.11
CA LEU A 260 -0.05 -10.41 -28.90
C LEU A 260 -0.56 -9.95 -27.53
N ILE A 261 0.31 -9.35 -26.73
CA ILE A 261 -0.04 -8.87 -25.38
C ILE A 261 -0.96 -7.65 -25.44
N LYS A 262 -2.19 -7.82 -24.96
CA LYS A 262 -3.23 -6.76 -24.94
C LYS A 262 -3.26 -5.90 -23.67
N ASP A 263 -2.88 -6.48 -22.53
CA ASP A 263 -2.89 -5.73 -21.24
C ASP A 263 -1.83 -6.29 -20.26
N ILE A 264 -1.54 -5.48 -19.25
CA ILE A 264 -0.50 -5.76 -18.31
C ILE A 264 -0.88 -5.15 -16.96
N VAL A 265 -0.68 -5.91 -15.90
CA VAL A 265 -0.89 -5.39 -14.54
C VAL A 265 0.22 -5.92 -13.63
N LEU A 266 0.79 -5.00 -12.87
CA LEU A 266 1.79 -5.33 -11.90
C LEU A 266 1.18 -5.83 -10.62
N THR A 267 1.72 -6.92 -10.07
CA THR A 267 1.48 -7.29 -8.65
C THR A 267 2.72 -6.93 -7.86
N ALA A 268 2.71 -7.22 -6.57
CA ALA A 268 3.86 -6.88 -5.72
C ALA A 268 5.17 -7.47 -6.25
N PHE A 269 5.14 -8.73 -6.65
CA PHE A 269 6.35 -9.40 -7.10
C PHE A 269 6.27 -10.09 -8.48
N HIS A 270 5.13 -9.94 -9.19
CA HIS A 270 4.92 -10.61 -10.45
C HIS A 270 4.29 -9.66 -11.43
N ILE A 271 4.09 -10.15 -12.64
CA ILE A 271 3.42 -9.40 -13.71
C ILE A 271 2.36 -10.29 -14.35
N LEU A 272 1.17 -9.72 -14.49
CA LEU A 272 0.02 -10.39 -15.11
C LEU A 272 -0.11 -9.88 -16.55
N LEU A 273 -0.28 -10.81 -17.48
CA LEU A 273 -0.36 -10.50 -18.92
C LEU A 273 -1.61 -11.14 -19.52
N LEU A 274 -2.34 -10.35 -20.29
CA LEU A 274 -3.52 -10.80 -20.98
C LEU A 274 -3.20 -10.93 -22.48
N ARG A 275 -3.54 -12.08 -23.05
CA ARG A 275 -3.31 -12.35 -24.47
C ARG A 275 -4.51 -13.12 -24.97
N LYS A 276 -5.21 -12.56 -25.96
CA LYS A 276 -6.42 -13.18 -26.52
C LYS A 276 -7.32 -13.58 -25.35
N ASN A 277 -7.35 -14.84 -24.91
CA ASN A 277 -8.13 -15.19 -23.72
C ASN A 277 -7.37 -15.96 -22.64
N THR A 278 -6.05 -15.80 -22.61
CA THR A 278 -5.23 -16.43 -21.55
C THR A 278 -4.56 -15.38 -20.66
N VAL A 279 -4.43 -15.73 -19.37
CA VAL A 279 -3.68 -14.93 -18.42
C VAL A 279 -2.40 -15.66 -18.05
N THR A 280 -1.29 -14.94 -18.09
CA THR A 280 0.01 -15.46 -17.70
C THR A 280 0.51 -14.63 -16.54
N MET A 281 1.07 -15.30 -15.52
CA MET A 281 1.73 -14.61 -14.42
C MET A 281 3.23 -14.95 -14.35
N VAL A 282 4.04 -13.90 -14.35
CA VAL A 282 5.48 -14.01 -14.46
C VAL A 282 6.14 -13.30 -13.29
N SER A 283 7.17 -13.90 -12.72
CA SER A 283 7.89 -13.33 -11.61
C SER A 283 8.77 -12.16 -12.01
N GLN A 284 8.76 -11.10 -11.20
CA GLN A 284 9.63 -9.93 -11.44
C GLN A 284 11.07 -10.19 -11.03
N LEU A 285 11.28 -11.23 -10.26
CA LEU A 285 12.59 -11.47 -9.69
C LEU A 285 13.44 -12.41 -10.56
N ASN A 286 12.83 -13.31 -11.31
CA ASN A 286 13.63 -14.19 -12.17
C ASN A 286 12.96 -14.66 -13.45
N ASN A 287 11.91 -13.96 -13.88
CA ASN A 287 11.16 -14.30 -15.10
C ASN A 287 10.41 -15.66 -15.17
N ASP A 288 10.29 -16.33 -14.03
CA ASP A 288 9.60 -17.59 -13.92
C ASP A 288 8.12 -17.43 -14.24
N VAL A 289 7.64 -18.28 -15.13
CA VAL A 289 6.24 -18.32 -15.43
C VAL A 289 5.60 -19.18 -14.37
N VAL A 290 4.82 -18.56 -13.50
CA VAL A 290 4.26 -19.29 -12.37
C VAL A 290 2.80 -19.67 -12.62
N PHE A 291 2.20 -19.12 -13.67
CA PHE A 291 0.80 -19.34 -13.97
C PHE A 291 0.53 -19.03 -15.45
N HIS A 292 -0.26 -19.88 -16.07
CA HIS A 292 -0.65 -19.70 -17.47
C HIS A 292 -1.93 -20.49 -17.68
N GLU A 293 -3.01 -19.78 -18.03
CA GLU A 293 -4.32 -20.41 -18.10
C GLU A 293 -5.27 -19.68 -19.05
N THR A 294 -6.10 -20.47 -19.70
CA THR A 294 -7.22 -19.98 -20.49
C THR A 294 -8.36 -19.70 -19.54
N ILE A 295 -9.27 -18.80 -19.94
CA ILE A 295 -10.52 -18.61 -19.22
C ILE A 295 -11.73 -18.94 -20.10
N GLU A 309 -17.48 -14.18 -26.27
CA GLU A 309 -16.96 -13.48 -25.10
C GLU A 309 -15.57 -12.90 -25.37
N LYS A 310 -15.42 -11.58 -25.30
CA LYS A 310 -14.13 -10.90 -25.53
C LYS A 310 -13.57 -10.24 -24.27
N PHE A 311 -12.28 -10.45 -24.01
CA PHE A 311 -11.65 -9.98 -22.76
C PHE A 311 -11.12 -8.56 -22.89
N LEU A 312 -11.47 -7.75 -21.90
CA LEU A 312 -11.38 -6.30 -21.99
C LEU A 312 -10.36 -5.66 -21.06
N GLY A 313 -9.85 -6.40 -20.08
CA GLY A 313 -8.84 -5.81 -19.21
C GLY A 313 -8.38 -6.69 -18.06
N LEU A 314 -7.20 -6.35 -17.55
CA LEU A 314 -6.70 -6.78 -16.26
C LEU A 314 -6.88 -5.59 -15.36
N VAL A 315 -7.19 -5.84 -14.09
CA VAL A 315 -7.47 -4.77 -13.11
C VAL A 315 -6.83 -5.10 -11.75
N ARG A 316 -6.29 -4.09 -11.08
CA ARG A 316 -5.75 -4.13 -9.74
C ARG A 316 -6.50 -3.22 -8.80
N ASP A 317 -6.82 -3.71 -7.60
CA ASP A 317 -7.24 -2.87 -6.49
C ASP A 317 -5.97 -2.51 -5.74
N SER A 318 -5.45 -1.30 -5.97
CA SER A 318 -4.17 -0.90 -5.36
C SER A 318 -4.25 -0.70 -3.84
N VAL A 319 -5.44 -0.59 -3.26
CA VAL A 319 -5.54 -0.54 -1.80
C VAL A 319 -5.48 -1.94 -1.18
N LYS A 320 -6.19 -2.87 -1.77
CA LYS A 320 -6.37 -4.20 -1.20
C LYS A 320 -5.39 -5.22 -1.82
N GLU A 321 -4.68 -4.83 -2.86
CA GLU A 321 -3.80 -5.73 -3.57
C GLU A 321 -4.53 -7.03 -3.97
N THR A 322 -5.64 -6.82 -4.67
CA THR A 322 -6.37 -7.89 -5.36
C THR A 322 -6.35 -7.61 -6.86
N PHE A 323 -6.64 -8.65 -7.63
CA PHE A 323 -6.45 -8.65 -9.05
C PHE A 323 -7.63 -9.29 -9.71
N TRP A 324 -7.95 -8.76 -10.90
CA TRP A 324 -9.17 -9.09 -11.60
C TRP A 324 -8.98 -9.03 -13.11
N CYS A 325 -9.89 -9.67 -13.82
N CYS A 325 -9.89 -9.69 -13.81
CA CYS A 325 -9.92 -9.59 -15.26
CA CYS A 325 -9.93 -9.67 -15.26
C CYS A 325 -11.37 -9.69 -15.66
C CYS A 325 -11.38 -9.69 -15.66
N PHE A 326 -11.72 -9.07 -16.79
CA PHE A 326 -13.12 -9.04 -17.23
C PHE A 326 -13.28 -9.09 -18.73
N SER A 327 -14.43 -9.64 -19.12
CA SER A 327 -14.88 -9.67 -20.49
C SER A 327 -16.13 -8.81 -20.63
N ASN A 328 -16.68 -8.77 -21.84
CA ASN A 328 -17.97 -8.11 -22.10
C ASN A 328 -19.15 -8.75 -21.37
N ILE A 329 -18.99 -9.95 -20.82
CA ILE A 329 -20.08 -10.60 -20.06
C ILE A 329 -19.76 -10.98 -18.60
N ASN A 330 -18.50 -11.23 -18.29
CA ASN A 330 -18.12 -11.69 -16.96
C ASN A 330 -16.98 -10.94 -16.34
N VAL A 331 -16.94 -11.04 -15.01
CA VAL A 331 -15.86 -10.54 -14.18
C VAL A 331 -15.27 -11.76 -13.45
N PHE A 332 -13.94 -11.78 -13.35
CA PHE A 332 -13.22 -12.87 -12.71
C PHE A 332 -12.24 -12.28 -11.71
N GLU A 333 -12.05 -12.96 -10.59
CA GLU A 333 -10.99 -12.63 -9.66
C GLU A 333 -9.79 -13.52 -9.86
N ILE A 334 -8.60 -12.91 -9.90
CA ILE A 334 -7.36 -13.65 -9.99
C ILE A 334 -6.85 -13.72 -8.55
N ILE A 335 -7.09 -14.85 -7.92
CA ILE A 335 -6.78 -15.07 -6.52
C ILE A 335 -5.36 -15.60 -6.35
N ILE A 336 -4.52 -14.81 -5.68
CA ILE A 336 -3.12 -15.19 -5.44
C ILE A 336 -2.86 -15.44 -3.94
N GLU A 337 -2.22 -16.57 -3.62
CA GLU A 337 -1.83 -16.90 -2.25
C GLU A 337 -0.33 -17.13 -2.12
N ASN A 338 0.24 -16.71 -1.00
CA ASN A 338 1.64 -17.02 -0.69
C ASN A 338 2.63 -16.31 -1.63
N GLU A 339 2.25 -15.17 -2.19
CA GLU A 339 3.14 -14.47 -3.08
C GLU A 339 4.49 -14.08 -2.42
N PRO A 340 4.45 -13.30 -1.33
CA PRO A 340 5.72 -12.89 -0.71
C PRO A 340 6.59 -14.07 -0.26
N ASN A 341 5.94 -15.07 0.31
CA ASN A 341 6.62 -16.25 0.82
C ASN A 341 7.30 -16.99 -0.32
N SER A 342 6.63 -17.03 -1.46
CA SER A 342 7.15 -17.73 -2.63
C SER A 342 8.42 -17.13 -3.21
N VAL A 343 8.70 -15.86 -2.95
CA VAL A 343 9.91 -15.20 -3.48
C VAL A 343 10.95 -14.80 -2.44
N TRP A 344 10.74 -15.13 -1.17
CA TRP A 344 11.62 -14.62 -0.12
C TRP A 344 13.10 -14.97 -0.35
N ASN A 345 13.35 -16.21 -0.75
CA ASN A 345 14.71 -16.64 -1.01
C ASN A 345 15.40 -15.80 -2.06
N LEU A 346 14.63 -15.21 -2.97
CA LEU A 346 15.20 -14.33 -4.01
C LEU A 346 15.33 -12.85 -3.62
N LEU A 347 14.72 -12.43 -2.52
CA LEU A 347 14.86 -11.07 -2.05
C LEU A 347 16.20 -10.83 -1.35
N VAL A 348 16.78 -11.87 -0.77
CA VAL A 348 18.04 -11.71 -0.03
C VAL A 348 19.16 -11.25 -0.99
N ARG A 349 19.93 -10.23 -0.60
CA ARG A 349 20.69 -9.41 -1.58
C ARG A 349 21.67 -10.17 -2.47
N SER B 2 -19.47 10.02 4.04
CA SER B 2 -19.67 9.62 5.48
C SER B 2 -19.08 8.24 5.85
N ILE B 3 -18.16 8.27 6.81
CA ILE B 3 -17.43 7.08 7.23
C ILE B 3 -18.33 6.19 8.07
N LYS B 4 -18.19 4.87 7.93
CA LYS B 4 -18.91 3.93 8.77
C LYS B 4 -17.91 3.01 9.44
N THR B 5 -17.89 3.00 10.76
CA THR B 5 -17.01 2.14 11.54
C THR B 5 -17.83 1.26 12.45
N ARG B 6 -17.42 0.01 12.61
CA ARG B 6 -17.98 -0.86 13.62
C ARG B 6 -16.98 -1.96 14.00
N ILE B 7 -17.21 -2.56 15.16
CA ILE B 7 -16.30 -3.57 15.70
C ILE B 7 -17.03 -4.90 15.69
N GLU B 8 -16.41 -5.91 15.12
CA GLU B 8 -17.02 -7.23 15.05
C GLU B 8 -16.09 -8.27 15.61
N GLU B 9 -16.62 -9.11 16.48
CA GLU B 9 -15.85 -10.21 17.06
C GLU B 9 -15.53 -11.24 15.99
N VAL B 10 -14.33 -11.79 16.06
CA VAL B 10 -13.89 -12.80 15.12
C VAL B 10 -13.90 -14.13 15.86
N GLN B 11 -14.61 -15.11 15.29
CA GLN B 11 -14.71 -16.44 15.89
C GLN B 11 -13.43 -17.25 15.65
N LEU B 12 -12.75 -17.60 16.74
CA LEU B 12 -11.51 -18.37 16.67
C LEU B 12 -11.71 -19.72 17.36
N GLN B 13 -12.44 -20.59 16.68
CA GLN B 13 -12.82 -21.90 17.22
C GLN B 13 -11.63 -22.75 17.66
N PHE B 14 -10.55 -22.68 16.90
CA PHE B 14 -9.37 -23.52 17.11
C PHE B 14 -8.73 -23.43 18.50
N LEU B 15 -9.20 -22.51 19.36
CA LEU B 15 -8.45 -22.18 20.59
C LEU B 15 -8.73 -23.08 21.81
N THR B 16 -10.00 -23.34 22.10
CA THR B 16 -10.48 -24.01 23.32
C THR B 16 -10.71 -23.02 24.47
N GLY B 17 -11.77 -23.26 25.23
CA GLY B 17 -12.25 -22.33 26.24
C GLY B 17 -11.22 -21.84 27.24
N ASN B 18 -10.22 -22.68 27.51
CA ASN B 18 -9.09 -22.30 28.37
C ASN B 18 -8.13 -21.31 27.69
N THR B 19 -7.54 -21.75 26.58
CA THR B 19 -6.34 -21.11 26.01
C THR B 19 -6.42 -19.58 25.86
N GLU B 20 -5.31 -18.93 26.22
CA GLU B 20 -5.19 -17.47 26.24
C GLU B 20 -4.26 -16.93 25.15
N LEU B 21 -4.69 -15.84 24.51
CA LEU B 21 -3.93 -15.17 23.47
C LEU B 21 -2.91 -14.25 24.11
N THR B 22 -1.76 -14.14 23.47
CA THR B 22 -0.72 -13.20 23.90
C THR B 22 -0.29 -12.22 22.80
N HIS B 23 -0.36 -12.62 21.52
CA HIS B 23 -0.05 -11.71 20.43
C HIS B 23 -0.94 -11.97 19.23
N LEU B 24 -1.14 -10.91 18.46
CA LEU B 24 -1.84 -10.98 17.19
C LEU B 24 -1.10 -10.11 16.16
N LYS B 25 -0.84 -10.66 14.99
CA LYS B 25 -0.44 -9.88 13.85
C LYS B 25 -1.31 -10.27 12.67
N VAL B 26 -1.53 -9.33 11.75
CA VAL B 26 -2.21 -9.67 10.50
C VAL B 26 -1.44 -9.08 9.34
N SER B 27 -1.16 -9.93 8.36
CA SER B 27 -0.37 -9.51 7.21
C SER B 27 -0.82 -10.22 5.98
N ASN B 28 -1.14 -9.46 4.91
CA ASN B 28 -1.55 -10.04 3.64
CA ASN B 28 -1.53 -10.06 3.64
C ASN B 28 -2.70 -11.03 3.79
N ASP B 29 -3.70 -10.65 4.58
CA ASP B 29 -4.84 -11.53 4.95
C ASP B 29 -4.50 -12.79 5.74
N GLN B 30 -3.28 -12.88 6.24
CA GLN B 30 -2.90 -14.00 7.09
C GLN B 30 -2.95 -13.52 8.52
N LEU B 31 -3.81 -14.14 9.32
CA LEU B 31 -3.93 -13.80 10.71
C LEU B 31 -3.00 -14.69 11.52
N ILE B 32 -2.19 -14.08 12.36
CA ILE B 32 -1.21 -14.79 13.17
C ILE B 32 -1.50 -14.48 14.62
N VAL B 33 -1.98 -15.49 15.34
CA VAL B 33 -2.23 -15.40 16.78
C VAL B 33 -1.29 -16.34 17.50
N THR B 34 -0.84 -15.93 18.67
CA THR B 34 0.01 -16.78 19.51
C THR B 34 -0.59 -16.88 20.89
N THR B 35 -0.38 -18.04 21.48
CA THR B 35 -0.58 -18.26 22.89
C THR B 35 0.81 -18.19 23.51
N GLN B 36 0.97 -18.77 24.71
CA GLN B 36 2.27 -18.87 25.36
C GLN B 36 3.28 -19.61 24.49
N ARG B 37 2.84 -20.70 23.87
CA ARG B 37 3.75 -21.65 23.19
C ARG B 37 3.46 -21.98 21.73
N THR B 38 2.30 -21.56 21.22
CA THR B 38 1.87 -22.00 19.90
C THR B 38 1.56 -20.80 19.03
N ILE B 39 1.88 -20.93 17.75
CA ILE B 39 1.65 -19.91 16.75
C ILE B 39 0.67 -20.46 15.76
N TYR B 40 -0.47 -19.77 15.62
CA TYR B 40 -1.52 -20.17 14.69
C TYR B 40 -1.58 -19.20 13.51
N ARG B 41 -1.68 -19.74 12.30
CA ARG B 41 -1.79 -18.95 11.09
C ARG B 41 -3.08 -19.36 10.42
N ILE B 42 -3.92 -18.38 10.12
CA ILE B 42 -5.18 -18.59 9.42
C ILE B 42 -5.29 -17.61 8.22
N ASN B 43 -5.63 -18.16 7.06
CA ASN B 43 -5.90 -17.35 5.89
C ASN B 43 -7.33 -16.84 6.00
N LEU B 44 -7.46 -15.53 6.11
CA LEU B 44 -8.78 -14.95 6.27
C LEU B 44 -9.67 -15.17 5.06
N GLN B 45 -9.09 -15.49 3.90
CA GLN B 45 -9.90 -15.78 2.72
C GLN B 45 -10.43 -17.20 2.73
N ASP B 46 -9.84 -18.04 3.58
CA ASP B 46 -10.31 -19.41 3.77
C ASP B 46 -10.12 -19.77 5.23
N PRO B 47 -10.92 -19.14 6.09
CA PRO B 47 -10.82 -19.55 7.45
C PRO B 47 -11.26 -21.02 7.43
N ALA B 48 -11.26 -21.68 8.58
CA ALA B 48 -11.46 -23.14 8.66
C ALA B 48 -10.20 -23.96 8.32
N ILE B 49 -9.31 -23.46 7.48
CA ILE B 49 -7.97 -24.05 7.41
C ILE B 49 -7.13 -23.30 8.44
N VAL B 50 -6.73 -24.03 9.47
CA VAL B 50 -5.93 -23.47 10.55
C VAL B 50 -4.63 -24.25 10.59
N ASN B 51 -3.52 -23.56 10.47
CA ASN B 51 -2.22 -24.17 10.62
C ASN B 51 -1.68 -23.75 11.95
N HIS B 52 -0.85 -24.59 12.56
CA HIS B 52 -0.24 -24.25 13.83
C HIS B 52 1.19 -24.72 13.87
N PHE B 53 1.98 -24.02 14.65
CA PHE B 53 3.39 -24.25 14.74
C PHE B 53 3.77 -24.16 16.20
N ASP B 54 4.28 -25.26 16.73
CA ASP B 54 4.67 -25.32 18.12
C ASP B 54 6.05 -24.71 18.20
N CYS B 55 6.17 -23.60 18.91
CA CYS B 55 7.46 -22.96 19.01
C CYS B 55 8.37 -23.96 19.70
N PRO B 56 9.56 -24.24 19.13
CA PRO B 56 10.42 -25.29 19.66
C PRO B 56 11.08 -24.85 20.96
N LEU B 57 10.28 -24.79 22.01
CA LEU B 57 10.71 -24.21 23.28
C LEU B 57 11.42 -25.27 24.10
N SER B 58 12.74 -25.16 24.16
CA SER B 58 13.50 -25.83 25.20
C SER B 58 13.07 -25.21 26.53
N LYS B 59 13.21 -25.96 27.62
CA LYS B 59 12.84 -25.46 28.96
C LYS B 59 11.31 -25.35 29.15
N GLU B 60 10.91 -25.41 30.41
CA GLU B 60 9.51 -25.45 30.80
C GLU B 60 8.89 -24.05 30.93
N LEU B 61 9.64 -23.11 31.48
CA LEU B 61 9.18 -21.74 31.71
C LEU B 61 9.34 -20.86 30.48
N GLU B 62 9.80 -21.43 29.36
CA GLU B 62 10.04 -20.62 28.17
C GLU B 62 8.74 -20.45 27.41
N THR B 63 8.44 -19.22 27.06
CA THR B 63 7.25 -18.86 26.32
C THR B 63 7.58 -17.76 25.31
N ILE B 64 6.62 -17.47 24.44
CA ILE B 64 6.78 -16.47 23.39
C ILE B 64 6.59 -15.08 23.96
N MET B 65 7.54 -14.19 23.72
CA MET B 65 7.50 -12.85 24.31
C MET B 65 7.14 -11.79 23.28
N ASN B 66 7.77 -11.84 22.12
CA ASN B 66 7.53 -10.88 21.07
C ASN B 66 7.39 -11.60 19.72
N VAL B 67 6.58 -11.02 18.86
CA VAL B 67 6.32 -11.56 17.55
C VAL B 67 6.46 -10.38 16.61
N HIS B 68 7.36 -10.50 15.63
CA HIS B 68 7.58 -9.46 14.65
C HIS B 68 7.41 -10.06 13.27
N VAL B 69 6.50 -9.50 12.49
CA VAL B 69 6.10 -10.04 11.20
C VAL B 69 6.44 -9.00 10.16
N SER B 70 7.02 -9.47 9.05
CA SER B 70 7.45 -8.57 7.98
C SER B 70 6.20 -7.94 7.36
N PRO B 71 6.36 -6.78 6.71
CA PRO B 71 5.17 -6.03 6.28
C PRO B 71 4.19 -6.90 5.49
N MET B 72 4.72 -7.76 4.61
CA MET B 72 3.89 -8.63 3.76
C MET B 72 3.72 -10.07 4.20
N GLY B 73 4.17 -10.39 5.41
CA GLY B 73 3.88 -11.67 6.03
C GLY B 73 4.83 -12.80 5.70
N SER B 74 5.88 -12.55 4.92
CA SER B 74 6.76 -13.64 4.46
C SER B 74 7.60 -14.22 5.59
N VAL B 75 7.99 -13.38 6.55
CA VAL B 75 8.78 -13.87 7.67
C VAL B 75 8.17 -13.49 9.03
N ILE B 76 8.27 -14.45 9.95
CA ILE B 76 7.81 -14.29 11.33
C ILE B 76 9.04 -14.43 12.25
N LEU B 77 9.41 -13.35 12.91
CA LEU B 77 10.55 -13.37 13.82
C LEU B 77 9.98 -13.50 15.23
N ILE B 78 10.38 -14.54 15.95
CA ILE B 78 9.89 -14.79 17.30
C ILE B 78 11.02 -14.59 18.31
N ARG B 79 10.69 -13.93 19.42
CA ARG B 79 11.57 -13.85 20.59
C ARG B 79 10.91 -14.53 21.78
N THR B 80 11.67 -15.35 22.49
CA THR B 80 11.16 -15.98 23.71
C THR B 80 11.60 -15.20 24.93
N ASN B 81 11.03 -15.56 26.07
CA ASN B 81 11.37 -14.89 27.30
C ASN B 81 12.72 -15.37 27.83
N PHE B 82 13.30 -16.40 27.20
CA PHE B 82 14.65 -16.84 27.48
C PHE B 82 15.69 -16.27 26.49
N GLY B 83 15.33 -15.22 25.76
CA GLY B 83 16.29 -14.51 24.92
C GLY B 83 16.58 -15.11 23.54
N ARG B 84 15.92 -16.20 23.20
CA ARG B 84 16.13 -16.84 21.90
C ARG B 84 15.36 -16.12 20.79
N TYR B 85 16.03 -15.92 19.66
CA TYR B 85 15.39 -15.36 18.46
C TYR B 85 15.35 -16.45 17.42
N MET B 86 14.22 -16.55 16.74
CA MET B 86 14.08 -17.55 15.67
C MET B 86 13.16 -17.06 14.55
N LEU B 87 13.48 -17.45 13.32
CA LEU B 87 12.59 -17.18 12.19
C LEU B 87 11.65 -18.34 11.98
N LEU B 88 10.40 -18.04 11.74
CA LEU B 88 9.46 -19.04 11.32
C LEU B 88 9.17 -18.71 9.86
N LYS B 89 9.44 -19.64 8.97
CA LYS B 89 9.26 -19.42 7.54
C LYS B 89 8.86 -20.72 6.89
N ASP B 90 7.75 -20.67 6.14
CA ASP B 90 7.20 -21.84 5.47
C ASP B 90 7.18 -23.06 6.36
N GLY B 91 6.75 -22.88 7.61
CA GLY B 91 6.60 -24.00 8.56
C GLY B 91 7.84 -24.51 9.27
N GLU B 92 8.97 -23.82 9.10
CA GLU B 92 10.22 -24.23 9.75
C GLU B 92 10.85 -23.11 10.55
N PHE B 93 11.46 -23.48 11.67
CA PHE B 93 12.11 -22.51 12.54
C PHE B 93 13.61 -22.49 12.31
N THR B 94 14.18 -21.31 12.15
CA THR B 94 15.62 -21.14 12.12
C THR B 94 16.03 -20.31 13.33
N GLN B 95 16.94 -20.84 14.14
CA GLN B 95 17.47 -20.10 15.30
C GLN B 95 18.48 -19.05 14.85
N LEU B 96 18.45 -17.89 15.47
CA LEU B 96 19.42 -16.84 15.19
C LEU B 96 20.29 -16.65 16.43
N ASN B 97 21.30 -17.50 16.55
CA ASN B 97 22.15 -17.53 17.73
C ASN B 97 23.05 -16.32 17.87
N LYS B 98 23.24 -15.59 16.76
CA LYS B 98 24.06 -14.39 16.79
C LYS B 98 23.45 -13.27 17.65
N ILE B 99 22.14 -13.31 17.89
CA ILE B 99 21.51 -12.30 18.73
C ILE B 99 20.81 -12.88 19.97
N LYS B 100 21.27 -14.04 20.43
CA LYS B 100 20.66 -14.62 21.62
C LYS B 100 20.85 -13.68 22.82
N ASN B 101 19.76 -13.43 23.53
CA ASN B 101 19.70 -12.53 24.71
C ASN B 101 19.73 -11.03 24.41
N LEU B 102 19.75 -10.66 23.12
CA LEU B 102 19.65 -9.26 22.76
C LEU B 102 18.35 -8.72 23.32
N ASP B 103 18.43 -7.53 23.90
CA ASP B 103 17.28 -6.86 24.44
C ASP B 103 16.99 -5.61 23.63
N LEU B 104 15.84 -5.61 22.97
CA LEU B 104 15.43 -4.54 22.09
C LEU B 104 14.40 -3.61 22.70
N SER B 105 14.52 -2.31 22.41
CA SER B 105 13.50 -1.33 22.76
C SER B 105 12.55 -1.08 21.60
N SER B 106 12.99 -1.36 20.37
N SER B 106 13.00 -1.36 20.38
CA SER B 106 12.19 -1.12 19.18
CA SER B 106 12.15 -1.23 19.22
C SER B 106 12.71 -1.92 17.99
C SER B 106 12.71 -1.96 18.01
N LEU B 107 11.79 -2.30 17.11
CA LEU B 107 12.11 -2.98 15.87
C LEU B 107 11.14 -2.47 14.83
N HIS B 108 11.65 -2.07 13.68
CA HIS B 108 10.85 -1.59 12.58
C HIS B 108 11.36 -2.18 11.26
N TRP B 109 10.50 -2.94 10.57
CA TRP B 109 10.83 -3.51 9.25
C TRP B 109 10.92 -2.45 8.20
N ILE B 110 11.95 -2.53 7.35
CA ILE B 110 12.04 -1.70 6.15
C ILE B 110 11.51 -2.45 4.93
N ASN B 111 11.73 -3.77 4.88
CA ASN B 111 11.21 -4.60 3.80
C ASN B 111 11.15 -6.07 4.28
N GLU B 112 11.04 -7.03 3.37
CA GLU B 112 10.87 -8.40 3.80
C GLU B 112 12.13 -9.06 4.35
N THR B 113 13.28 -8.42 4.23
CA THR B 113 14.54 -8.99 4.67
C THR B 113 15.33 -8.10 5.61
N THR B 114 14.79 -6.94 5.95
CA THR B 114 15.60 -5.91 6.58
C THR B 114 14.82 -5.16 7.65
N PHE B 115 15.40 -4.98 8.83
CA PHE B 115 14.76 -4.16 9.85
C PHE B 115 15.77 -3.32 10.60
N LEU B 116 15.26 -2.27 11.24
CA LEU B 116 16.05 -1.41 12.10
C LEU B 116 15.69 -1.75 13.53
N MET B 117 16.69 -1.76 14.41
CA MET B 117 16.44 -2.12 15.79
C MET B 117 17.19 -1.20 16.75
N GLY B 118 16.51 -0.91 17.85
CA GLY B 118 17.06 -0.15 18.95
C GLY B 118 17.30 -1.10 20.10
N ILE B 119 18.43 -0.95 20.75
CA ILE B 119 18.75 -1.73 21.93
C ILE B 119 18.28 -0.99 23.18
N LYS B 120 17.79 -1.75 24.16
CA LYS B 120 17.19 -1.13 25.34
C LYS B 120 18.18 -0.26 26.13
N LYS B 121 17.68 0.83 26.69
CA LYS B 121 18.44 1.73 27.56
C LYS B 121 19.66 2.41 26.93
N THR B 122 19.88 2.27 25.64
CA THR B 122 20.97 3.00 25.01
C THR B 122 20.51 3.56 23.65
N PRO B 123 20.91 4.79 23.32
CA PRO B 123 20.57 5.40 22.03
C PRO B 123 21.51 4.94 20.91
N LYS B 124 21.30 3.69 20.47
CA LYS B 124 22.02 3.09 19.36
C LYS B 124 21.00 2.42 18.47
N LEU B 125 21.08 2.66 17.16
CA LEU B 125 20.23 1.99 16.18
C LEU B 125 21.05 1.17 15.18
N TYR B 126 20.64 -0.08 14.96
CA TYR B 126 21.34 -0.98 14.03
C TYR B 126 20.44 -1.44 12.90
N ARG B 127 21.00 -1.56 11.72
CA ARG B 127 20.26 -2.15 10.61
C ARG B 127 20.62 -3.64 10.59
N VAL B 128 19.59 -4.48 10.52
CA VAL B 128 19.73 -5.91 10.42
C VAL B 128 19.15 -6.44 9.09
N GLU B 129 19.92 -7.27 8.42
CA GLU B 129 19.53 -7.88 7.15
C GLU B 129 19.54 -9.39 7.34
N LEU B 130 18.44 -10.04 6.98
CA LEU B 130 18.34 -11.48 7.10
C LEU B 130 18.91 -12.10 5.82
N THR B 131 19.73 -13.14 6.00
CA THR B 131 20.34 -13.87 4.88
C THR B 131 19.68 -15.23 4.64
N GLY B 132 18.77 -15.64 5.54
CA GLY B 132 18.13 -16.96 5.47
C GLY B 132 18.54 -17.81 6.65
N LYS B 133 19.85 -18.11 6.72
CA LYS B 133 20.45 -18.84 7.83
C LYS B 133 20.88 -17.91 8.97
N ASP B 134 21.09 -16.63 8.67
CA ASP B 134 21.81 -15.76 9.59
C ASP B 134 21.47 -14.31 9.31
N ILE B 135 22.25 -13.40 9.88
CA ILE B 135 22.01 -11.97 9.76
C ILE B 135 23.32 -11.27 9.52
N THR B 136 23.26 -10.05 8.98
CA THR B 136 24.39 -9.12 8.97
C THR B 136 23.89 -7.87 9.71
N THR B 137 24.81 -7.06 10.22
CA THR B 137 24.45 -5.87 10.99
C THR B 137 25.29 -4.69 10.58
N LYS B 138 24.75 -3.49 10.82
CA LYS B 138 25.44 -2.24 10.62
C LYS B 138 24.89 -1.18 11.58
N LEU B 139 25.78 -0.44 12.23
CA LEU B 139 25.41 0.65 13.12
C LEU B 139 24.93 1.84 12.30
N TRP B 140 23.68 2.21 12.50
CA TRP B 140 23.09 3.37 11.79
C TRP B 140 23.19 4.65 12.60
N TYR B 141 23.00 4.56 13.91
CA TYR B 141 22.94 5.76 14.73
C TYR B 141 23.45 5.49 16.14
N GLU B 142 24.28 6.41 16.65
CA GLU B 142 24.52 6.48 18.08
C GLU B 142 24.81 7.90 18.55
N ASN B 143 24.31 8.22 19.74
CA ASN B 143 24.64 9.47 20.39
C ASN B 143 24.65 9.27 21.91
N LYS B 144 25.84 9.29 22.49
CA LYS B 144 26.02 9.04 23.92
C LYS B 144 25.63 10.22 24.79
N LYS B 145 25.52 11.42 24.20
CA LYS B 145 24.99 12.60 24.93
C LYS B 145 23.54 12.43 25.39
N LEU B 146 22.77 11.63 24.65
CA LEU B 146 21.38 11.37 25.02
C LEU B 146 21.31 10.10 25.86
N SER B 147 20.19 9.92 26.53
CA SER B 147 19.95 8.71 27.30
C SER B 147 18.57 8.12 26.99
N GLY B 148 18.40 6.86 27.37
CA GLY B 148 17.20 6.09 27.12
C GLY B 148 17.41 5.30 25.84
N GLY B 149 16.55 4.32 25.63
CA GLY B 149 16.54 3.60 24.37
C GLY B 149 15.67 4.29 23.31
N ILE B 150 15.87 3.92 22.06
CA ILE B 150 14.98 4.35 20.97
C ILE B 150 13.65 3.58 21.11
N ASP B 151 12.56 4.33 21.26
N ASP B 151 12.56 4.32 21.23
CA ASP B 151 11.22 3.75 21.45
CA ASP B 151 11.26 3.74 21.46
C ASP B 151 10.37 3.83 20.20
C ASP B 151 10.28 4.00 20.32
N GLY B 152 10.71 4.73 19.29
CA GLY B 152 9.91 4.98 18.06
C GLY B 152 10.84 5.03 16.87
N ILE B 153 10.47 4.29 15.82
CA ILE B 153 11.22 4.28 14.54
C ILE B 153 10.28 4.40 13.33
N ALA B 154 10.60 5.32 12.42
CA ALA B 154 9.91 5.41 11.15
C ALA B 154 10.94 5.62 10.07
N TYR B 155 10.75 4.98 8.94
CA TYR B 155 11.66 5.10 7.81
C TYR B 155 10.83 5.17 6.54
N TRP B 156 11.08 6.15 5.70
CA TRP B 156 10.41 6.24 4.38
C TRP B 156 11.35 6.84 3.35
N GLU B 157 11.79 6.02 2.39
CA GLU B 157 12.54 6.51 1.21
C GLU B 157 13.77 7.33 1.56
N GLY B 158 14.54 6.89 2.54
CA GLY B 158 15.70 7.66 2.98
C GLY B 158 15.42 8.47 4.23
N SER B 159 14.17 8.90 4.44
CA SER B 159 13.84 9.70 5.63
C SER B 159 13.72 8.83 6.87
N LEU B 160 14.33 9.27 7.96
CA LEU B 160 14.36 8.53 9.20
C LEU B 160 13.84 9.39 10.34
N LEU B 161 13.03 8.78 11.20
CA LEU B 161 12.49 9.44 12.37
C LEU B 161 12.76 8.53 13.56
N LEU B 162 13.24 9.11 14.66
CA LEU B 162 13.47 8.36 15.91
C LEU B 162 12.94 9.14 17.11
N THR B 163 12.36 8.42 18.09
CA THR B 163 12.06 9.00 19.39
C THR B 163 12.89 8.35 20.48
N ILE B 164 13.49 9.20 21.32
CA ILE B 164 14.29 8.81 22.45
C ILE B 164 13.84 9.70 23.62
N LYS B 165 13.09 9.12 24.55
CA LYS B 165 12.46 9.87 25.63
C LYS B 165 11.66 11.05 25.03
N ASP B 166 12.00 12.30 25.40
CA ASP B 166 11.28 13.51 24.98
C ASP B 166 11.64 13.98 23.56
N ASN B 167 12.69 13.40 22.99
CA ASN B 167 13.24 13.87 21.73
C ASN B 167 12.65 13.10 20.56
N ILE B 168 12.34 13.83 19.50
CA ILE B 168 12.04 13.25 18.21
C ILE B 168 13.08 13.82 17.23
N LEU B 169 13.73 12.92 16.51
CA LEU B 169 14.88 13.21 15.70
C LEU B 169 14.54 12.85 14.25
N TYR B 170 14.93 13.73 13.32
CA TYR B 170 14.54 13.59 11.93
C TYR B 170 15.71 13.78 11.02
N TRP B 171 15.82 12.88 10.05
CA TRP B 171 16.74 13.04 8.95
C TRP B 171 15.95 13.04 7.64
N ARG B 172 16.24 14.00 6.78
CA ARG B 172 15.53 14.08 5.49
C ARG B 172 15.84 12.92 4.59
N ASP B 173 17.14 12.70 4.37
CA ASP B 173 17.62 11.61 3.54
C ASP B 173 18.97 11.13 4.06
N VAL B 174 18.95 9.96 4.68
CA VAL B 174 20.14 9.36 5.27
C VAL B 174 21.04 8.68 4.24
N THR B 175 20.52 8.45 3.03
CA THR B 175 21.13 7.50 2.09
C THR B 175 22.52 7.93 1.58
N ASN B 176 22.82 9.21 1.55
CA ASN B 176 24.16 9.70 1.18
C ASN B 176 24.87 10.46 2.30
N MET B 177 24.50 10.15 3.53
CA MET B 177 25.12 10.77 4.70
C MET B 177 26.17 9.86 5.31
N LYS B 178 27.00 10.42 6.19
CA LYS B 178 28.00 9.65 6.93
C LYS B 178 27.37 8.76 7.99
N PHE B 179 27.82 7.51 8.10
CA PHE B 179 27.40 6.62 9.18
C PHE B 179 28.53 6.33 10.18
N PRO B 180 28.20 6.18 11.47
CA PRO B 180 26.87 6.24 12.01
C PRO B 180 26.32 7.66 12.05
N LEU B 181 25.00 7.76 11.97
CA LEU B 181 24.33 9.04 12.14
C LEU B 181 24.48 9.44 13.60
N VAL B 182 24.59 10.74 13.87
CA VAL B 182 24.69 11.26 15.24
C VAL B 182 23.73 12.43 15.47
N LEU B 183 23.93 13.52 14.74
CA LEU B 183 23.05 14.69 14.84
C LEU B 183 22.03 14.70 13.68
N PRO B 184 20.74 14.80 14.02
CA PRO B 184 19.70 14.84 12.99
C PRO B 184 19.64 16.20 12.29
N ASP B 185 18.95 16.22 11.16
CA ASP B 185 18.67 17.45 10.43
C ASP B 185 17.82 18.37 11.31
N GLU B 186 16.86 17.78 12.03
CA GLU B 186 16.00 18.52 12.97
C GLU B 186 15.73 17.65 14.19
N SER B 187 15.39 18.31 15.30
CA SER B 187 14.95 17.63 16.50
C SER B 187 13.97 18.52 17.27
N GLU B 188 12.99 17.89 17.91
CA GLU B 188 12.06 18.61 18.77
C GLU B 188 11.91 17.89 20.11
N GLN B 189 11.46 18.61 21.13
CA GLN B 189 11.13 18.01 22.39
C GLN B 189 9.64 18.11 22.71
N PHE B 190 9.06 16.98 23.12
CA PHE B 190 7.71 16.91 23.67
C PHE B 190 7.72 16.10 24.96
N GLU B 191 7.09 16.62 26.02
CA GLU B 191 7.02 15.87 27.27
C GLU B 191 6.48 14.49 26.99
N ARG B 192 7.29 13.46 27.29
CA ARG B 192 6.94 12.10 26.92
C ARG B 192 5.87 11.54 27.79
N LEU B 193 5.20 10.53 27.28
CA LEU B 193 4.22 9.81 28.06
C LEU B 193 4.97 8.95 29.08
N LYS B 194 4.88 9.31 30.35
CA LYS B 194 5.53 8.54 31.40
C LYS B 194 4.51 7.62 32.05
N HIS B 195 4.32 6.49 31.38
CA HIS B 195 3.51 5.38 31.83
C HIS B 195 3.70 4.29 30.79
N HIS B 196 3.71 3.03 31.23
CA HIS B 196 3.78 1.91 30.32
C HIS B 196 2.62 2.02 29.30
N ALA B 197 2.95 1.81 28.04
CA ALA B 197 1.95 1.61 26.98
C ALA B 197 2.34 0.36 26.21
N ILE B 198 1.41 -0.21 25.45
CA ILE B 198 1.73 -1.29 24.51
C ILE B 198 2.62 -0.74 23.41
N LYS B 199 2.19 0.36 22.78
CA LYS B 199 3.03 1.13 21.86
C LYS B 199 2.74 2.59 22.10
N LYS B 200 3.74 3.44 21.92
N LYS B 200 3.75 3.44 21.93
CA LYS B 200 3.56 4.88 21.95
CA LYS B 200 3.58 4.88 21.95
C LYS B 200 3.84 5.52 20.58
C LYS B 200 3.87 5.52 20.59
N PHE B 201 4.15 4.69 19.57
CA PHE B 201 4.57 5.19 18.27
C PHE B 201 4.15 4.23 17.18
N ASP B 202 3.73 4.78 16.04
CA ASP B 202 3.33 3.96 14.92
C ASP B 202 3.66 4.70 13.67
N SER B 203 3.89 3.94 12.61
CA SER B 203 4.05 4.52 11.27
C SER B 203 3.42 3.62 10.23
N TYR B 204 3.05 4.22 9.09
CA TYR B 204 2.37 3.55 8.02
C TYR B 204 2.42 4.42 6.77
N ASN B 205 2.93 3.89 5.68
CA ASN B 205 2.90 4.60 4.43
C ASN B 205 3.66 5.93 4.54
N GLY B 206 4.71 5.99 5.36
CA GLY B 206 5.41 7.28 5.62
C GLY B 206 4.72 8.19 6.64
N LEU B 207 3.51 7.83 7.06
CA LEU B 207 2.82 8.57 8.11
C LEU B 207 3.40 8.13 9.44
N PHE B 208 3.39 9.03 10.43
CA PHE B 208 3.89 8.71 11.77
C PHE B 208 3.02 9.35 12.82
N ALA B 209 3.00 8.75 14.00
CA ALA B 209 2.23 9.24 15.11
C ALA B 209 2.87 8.78 16.39
N TRP B 210 2.91 9.70 17.37
CA TRP B 210 3.70 9.52 18.58
C TRP B 210 2.86 10.01 19.73
N VAL B 211 2.59 9.13 20.68
CA VAL B 211 1.79 9.49 21.85
C VAL B 211 2.72 10.14 22.88
N THR B 212 2.38 11.34 23.31
CA THR B 212 3.18 12.03 24.32
C THR B 212 2.30 12.41 25.48
N SER B 213 2.86 13.03 26.51
CA SER B 213 2.06 13.39 27.70
C SER B 213 0.84 14.24 27.37
N ASN B 214 1.03 15.24 26.53
CA ASN B 214 -0.04 16.21 26.24
C ASN B 214 -0.95 15.90 25.08
N GLY B 215 -0.61 14.88 24.31
CA GLY B 215 -1.36 14.57 23.07
C GLY B 215 -0.58 13.69 22.11
N ILE B 216 -1.07 13.59 20.90
CA ILE B 216 -0.44 12.80 19.85
C ILE B 216 0.14 13.75 18.87
N VAL B 217 1.43 13.58 18.59
CA VAL B 217 2.09 14.30 17.54
C VAL B 217 2.13 13.42 16.30
N PHE B 218 1.68 13.95 15.15
CA PHE B 218 1.66 13.17 13.93
C PHE B 218 1.94 13.99 12.68
N GLY B 219 2.31 13.27 11.63
CA GLY B 219 2.64 13.87 10.35
C GLY B 219 2.89 12.82 9.25
N ASP B 220 3.72 13.20 8.30
CA ASP B 220 3.82 12.48 7.04
C ASP B 220 5.17 12.77 6.46
N LEU B 221 6.05 11.76 6.50
CA LEU B 221 7.37 11.84 5.90
C LEU B 221 7.36 12.06 4.37
N LYS B 222 6.23 11.82 3.72
CA LYS B 222 6.14 12.00 2.26
C LYS B 222 6.12 13.49 1.90
N GLU B 223 5.76 14.32 2.90
CA GLU B 223 5.83 15.80 2.92
C GLU B 223 4.46 16.40 2.64
N PHE B 235 11.70 23.47 4.73
CA PHE B 235 13.11 23.10 4.90
C PHE B 235 13.63 23.54 6.26
N GLY B 236 14.03 22.56 7.08
CA GLY B 236 14.36 22.81 8.47
C GLY B 236 13.12 23.00 9.35
N LYS B 237 11.94 22.80 8.79
CA LYS B 237 10.69 23.01 9.49
C LYS B 237 9.77 21.81 9.38
N PHE B 238 10.33 20.65 9.04
CA PHE B 238 9.50 19.47 8.93
C PHE B 238 8.83 19.12 10.24
N LEU B 239 9.62 19.02 11.31
CA LEU B 239 9.08 18.60 12.58
C LEU B 239 8.10 19.62 13.10
N SER B 240 8.42 20.89 12.89
CA SER B 240 7.57 21.99 13.34
C SER B 240 6.23 22.00 12.64
N SER B 241 6.16 21.53 11.40
CA SER B 241 4.89 21.37 10.70
C SER B 241 4.06 20.15 11.15
N SER B 242 4.54 19.39 12.12
CA SER B 242 3.77 18.25 12.64
C SER B 242 2.42 18.72 13.19
N LYS B 243 1.41 17.89 13.04
CA LYS B 243 0.11 18.14 13.65
C LYS B 243 0.07 17.55 15.07
N VAL B 244 -0.84 18.09 15.88
CA VAL B 244 -1.13 17.54 17.22
C VAL B 244 -2.62 17.31 17.43
N LEU B 245 -2.95 16.20 18.05
CA LEU B 245 -4.27 15.97 18.58
C LEU B 245 -4.10 15.96 20.09
N LEU B 246 -4.61 16.99 20.76
CA LEU B 246 -4.31 17.19 22.17
C LEU B 246 -5.32 16.48 23.05
N ASN B 247 -4.93 16.16 24.29
CA ASN B 247 -5.78 15.30 25.15
C ASN B 247 -7.19 15.87 25.35
N PHE B 248 -7.30 17.18 25.44
CA PHE B 248 -8.60 17.78 25.66
C PHE B 248 -9.45 17.79 24.40
N GLU B 249 -8.91 17.34 23.27
CA GLU B 249 -9.71 17.15 22.08
C GLU B 249 -10.41 15.80 22.05
N LEU B 250 -10.07 14.92 23.00
CA LEU B 250 -10.58 13.55 22.99
C LEU B 250 -11.78 13.39 23.91
N PRO B 251 -12.69 12.47 23.55
CA PRO B 251 -13.84 12.26 24.43
C PRO B 251 -13.42 11.66 25.77
N ASP B 252 -14.13 12.00 26.83
CA ASP B 252 -13.81 11.53 28.19
C ASP B 252 -12.43 12.04 28.62
N TYR B 253 -12.19 13.34 28.44
CA TYR B 253 -10.96 14.02 28.89
C TYR B 253 -10.89 15.43 28.32
N LEU B 260 -5.79 6.80 30.02
CA LEU B 260 -4.41 6.72 29.54
C LEU B 260 -4.32 5.90 28.24
N ILE B 261 -3.76 6.50 27.20
CA ILE B 261 -3.63 5.82 25.89
C ILE B 261 -2.60 4.69 25.90
N LYS B 262 -3.06 3.44 25.71
CA LYS B 262 -2.21 2.25 25.73
C LYS B 262 -1.62 1.82 24.38
N ASP B 263 -2.32 2.11 23.28
CA ASP B 263 -1.86 1.76 21.94
C ASP B 263 -2.41 2.72 20.88
N ILE B 264 -1.80 2.67 19.70
CA ILE B 264 -2.08 3.59 18.63
C ILE B 264 -1.82 2.88 17.30
N VAL B 265 -2.73 3.04 16.35
CA VAL B 265 -2.52 2.54 15.02
C VAL B 265 -3.02 3.56 13.99
N LEU B 266 -2.19 3.80 12.99
CA LEU B 266 -2.53 4.69 11.91
C LEU B 266 -3.38 3.97 10.88
N THR B 267 -4.44 4.64 10.41
CA THR B 267 -5.09 4.24 9.15
C THR B 267 -4.68 5.22 8.08
N ALA B 268 -5.23 5.07 6.88
CA ALA B 268 -4.89 5.96 5.77
C ALA B 268 -5.13 7.43 6.12
N PHE B 269 -6.27 7.71 6.73
CA PHE B 269 -6.64 9.10 7.03
C PHE B 269 -7.05 9.39 8.47
N HIS B 270 -6.95 8.39 9.35
CA HIS B 270 -7.38 8.52 10.75
C HIS B 270 -6.38 7.88 11.67
N ILE B 271 -6.66 7.97 12.98
CA ILE B 271 -5.83 7.38 14.00
C ILE B 271 -6.73 6.62 14.98
N LEU B 272 -6.34 5.38 15.26
CA LEU B 272 -7.06 4.50 16.19
C LEU B 272 -6.32 4.50 17.52
N LEU B 273 -7.07 4.67 18.61
CA LEU B 273 -6.50 4.77 19.96
C LEU B 273 -7.21 3.81 20.89
N LEU B 274 -6.41 3.08 21.66
CA LEU B 274 -6.92 2.14 22.64
C LEU B 274 -6.70 2.74 24.03
N ARG B 275 -7.75 2.76 24.84
CA ARG B 275 -7.71 3.27 26.22
C ARG B 275 -8.53 2.33 27.06
N LYS B 276 -7.92 1.70 28.06
CA LYS B 276 -8.64 0.78 28.93
C LYS B 276 -9.35 -0.25 28.05
N ASN B 277 -10.66 -0.09 27.85
CA ASN B 277 -11.36 -0.99 26.92
C ASN B 277 -12.19 -0.27 25.85
N THR B 278 -11.83 0.98 25.53
CA THR B 278 -12.51 1.72 24.46
C THR B 278 -11.57 2.00 23.29
N VAL B 279 -12.14 2.00 22.07
CA VAL B 279 -11.43 2.38 20.86
C VAL B 279 -12.00 3.70 20.35
N THR B 280 -11.09 4.63 20.06
CA THR B 280 -11.47 5.93 19.52
C THR B 280 -10.82 6.06 18.16
N MET B 281 -11.57 6.59 17.19
CA MET B 281 -11.03 6.90 15.87
C MET B 281 -11.12 8.39 15.59
N VAL B 282 -9.97 8.96 15.24
CA VAL B 282 -9.81 10.39 15.05
C VAL B 282 -9.23 10.69 13.67
N SER B 283 -9.76 11.72 13.01
CA SER B 283 -9.30 12.11 11.71
C SER B 283 -7.96 12.78 11.74
N GLN B 284 -7.09 12.45 10.79
CA GLN B 284 -5.77 13.08 10.66
C GLN B 284 -5.86 14.47 10.02
N LEU B 285 -7.00 14.76 9.41
CA LEU B 285 -7.13 15.97 8.60
C LEU B 285 -7.71 17.13 9.40
N ASN B 286 -8.54 16.83 10.40
CA ASN B 286 -9.10 17.93 11.21
C ASN B 286 -9.42 17.58 12.66
N ASN B 287 -8.82 16.52 13.19
CA ASN B 287 -9.03 16.06 14.58
C ASN B 287 -10.44 15.62 15.00
N ASP B 288 -11.33 15.45 14.03
CA ASP B 288 -12.69 15.01 14.27
C ASP B 288 -12.73 13.60 14.85
N VAL B 289 -13.46 13.45 15.94
CA VAL B 289 -13.67 12.15 16.52
C VAL B 289 -14.80 11.53 15.76
N VAL B 290 -14.50 10.50 14.97
CA VAL B 290 -15.51 9.92 14.12
C VAL B 290 -16.07 8.63 14.72
N PHE B 291 -15.42 8.12 15.76
CA PHE B 291 -15.80 6.84 16.37
C PHE B 291 -15.26 6.77 17.80
N HIS B 292 -16.09 6.25 18.69
CA HIS B 292 -15.72 6.10 20.09
C HIS B 292 -16.65 5.05 20.67
N GLU B 293 -16.07 3.94 21.14
CA GLU B 293 -16.88 2.81 21.60
C GLU B 293 -16.15 1.94 22.61
N THR B 294 -16.92 1.38 23.54
CA THR B 294 -16.48 0.34 24.42
C THR B 294 -16.56 -0.99 23.69
N ILE B 295 -15.77 -1.98 24.11
CA ILE B 295 -15.93 -3.35 23.65
C ILE B 295 -16.28 -4.25 24.83
N ASN B 308 -11.74 -8.73 34.05
CA ASN B 308 -11.44 -10.10 33.61
C ASN B 308 -10.75 -10.19 32.22
N GLU B 309 -11.39 -9.68 31.18
CA GLU B 309 -10.82 -9.62 29.81
C GLU B 309 -9.97 -8.35 29.69
N LYS B 310 -8.69 -8.50 29.36
CA LYS B 310 -7.78 -7.36 29.19
C LYS B 310 -7.31 -7.16 27.73
N PHE B 311 -7.37 -5.92 27.25
CA PHE B 311 -7.05 -5.61 25.86
C PHE B 311 -5.58 -5.36 25.64
N LEU B 312 -5.04 -6.02 24.62
CA LEU B 312 -3.60 -6.20 24.45
C LEU B 312 -3.02 -5.50 23.22
N GLY B 313 -3.84 -5.02 22.30
CA GLY B 313 -3.30 -4.31 21.16
C GLY B 313 -4.30 -3.87 20.12
N LEU B 314 -3.87 -2.88 19.34
CA LEU B 314 -4.46 -2.52 18.05
C LEU B 314 -3.51 -3.07 17.02
N VAL B 315 -4.05 -3.54 15.90
CA VAL B 315 -3.28 -4.19 14.85
C VAL B 315 -3.77 -3.73 13.45
N ARG B 316 -2.82 -3.48 12.54
CA ARG B 316 -3.06 -3.16 11.15
C ARG B 316 -2.49 -4.25 10.25
N ASP B 317 -3.24 -4.64 9.23
CA ASP B 317 -2.68 -5.40 8.09
C ASP B 317 -2.27 -4.37 7.05
N SER B 318 -0.97 -4.07 6.98
CA SER B 318 -0.49 -3.01 6.07
C SER B 318 -0.62 -3.34 4.59
N VAL B 319 -0.82 -4.60 4.24
CA VAL B 319 -1.07 -4.94 2.84
C VAL B 319 -2.53 -4.73 2.46
N LYS B 320 -3.44 -5.14 3.34
CA LYS B 320 -4.86 -5.14 3.05
C LYS B 320 -5.59 -3.94 3.62
N GLU B 321 -4.88 -3.13 4.40
CA GLU B 321 -5.48 -2.00 5.07
C GLU B 321 -6.77 -2.39 5.82
N THR B 322 -6.62 -3.40 6.67
CA THR B 322 -7.63 -3.81 7.62
C THR B 322 -7.06 -3.62 9.02
N PHE B 323 -7.97 -3.55 10.00
CA PHE B 323 -7.65 -3.11 11.33
C PHE B 323 -8.34 -4.00 12.32
N TRP B 324 -7.66 -4.21 13.45
CA TRP B 324 -8.03 -5.21 14.42
C TRP B 324 -7.64 -4.78 15.84
N CYS B 325 -8.29 -5.41 16.81
N CYS B 325 -8.31 -5.37 16.82
CA CYS B 325 -7.98 -5.22 18.22
CA CYS B 325 -7.87 -5.26 18.20
C CYS B 325 -8.16 -6.57 18.91
C CYS B 325 -8.12 -6.60 18.88
N PHE B 326 -7.40 -6.85 19.96
CA PHE B 326 -7.51 -8.12 20.65
C PHE B 326 -7.25 -8.03 22.13
N SER B 327 -7.87 -8.98 22.83
CA SER B 327 -7.71 -9.15 24.26
C SER B 327 -7.06 -10.51 24.50
N ASN B 328 -6.86 -10.85 25.78
CA ASN B 328 -6.40 -12.18 26.17
C ASN B 328 -7.37 -13.32 25.83
N ILE B 329 -8.62 -13.00 25.47
CA ILE B 329 -9.56 -14.05 25.06
C ILE B 329 -10.15 -13.89 23.64
N ASN B 330 -10.24 -12.67 23.13
CA ASN B 330 -10.92 -12.45 21.86
C ASN B 330 -10.14 -11.62 20.88
N VAL B 331 -10.50 -11.78 19.61
CA VAL B 331 -10.02 -10.98 18.51
C VAL B 331 -11.24 -10.28 17.89
N PHE B 332 -11.05 -9.02 17.52
CA PHE B 332 -12.11 -8.20 16.94
C PHE B 332 -11.58 -7.53 15.68
N GLU B 333 -12.44 -7.39 14.68
CA GLU B 333 -12.12 -6.59 13.52
C GLU B 333 -12.76 -5.20 13.63
N ILE B 334 -11.98 -4.17 13.34
CA ILE B 334 -12.47 -2.80 13.27
C ILE B 334 -12.73 -2.52 11.80
N ILE B 335 -13.99 -2.66 11.41
CA ILE B 335 -14.41 -2.55 10.03
C ILE B 335 -14.73 -1.11 9.68
N ILE B 336 -13.97 -0.56 8.73
CA ILE B 336 -14.14 0.81 8.28
C ILE B 336 -14.63 0.84 6.84
N GLU B 337 -15.67 1.64 6.58
CA GLU B 337 -16.21 1.84 5.23
C GLU B 337 -16.18 3.31 4.84
N ASN B 338 -15.87 3.57 3.58
CA ASN B 338 -15.99 4.91 3.04
C ASN B 338 -14.98 5.91 3.61
N GLU B 339 -13.83 5.43 4.05
CA GLU B 339 -12.85 6.32 4.62
C GLU B 339 -12.37 7.41 3.63
N PRO B 340 -11.87 7.02 2.45
CA PRO B 340 -11.40 8.06 1.49
C PRO B 340 -12.48 9.04 1.09
N ASN B 341 -13.67 8.52 0.85
CA ASN B 341 -14.80 9.31 0.41
C ASN B 341 -15.20 10.30 1.47
N SER B 342 -15.11 9.87 2.74
CA SER B 342 -15.46 10.71 3.85
C SER B 342 -14.55 11.91 4.05
N VAL B 343 -13.32 11.89 3.54
CA VAL B 343 -12.39 13.02 3.72
C VAL B 343 -12.03 13.77 2.43
N TRP B 344 -12.62 13.39 1.30
CA TRP B 344 -12.22 13.96 0.02
C TRP B 344 -12.30 15.49 0.00
N ASN B 345 -13.40 16.02 0.53
CA ASN B 345 -13.57 17.46 0.59
C ASN B 345 -12.44 18.16 1.31
N LEU B 346 -11.80 17.48 2.26
CA LEU B 346 -10.65 18.04 2.99
C LEU B 346 -9.27 17.83 2.34
N LEU B 347 -9.19 16.97 1.33
CA LEU B 347 -7.93 16.78 0.62
C LEU B 347 -7.65 17.91 -0.39
N VAL B 348 -8.69 18.55 -0.90
CA VAL B 348 -8.50 19.58 -1.95
C VAL B 348 -7.74 20.82 -1.45
S SO4 C . -12.09 -9.63 -1.62
O1 SO4 C . -13.41 -9.25 -1.04
O2 SO4 C . -11.24 -8.43 -1.74
O3 SO4 C . -12.29 -10.27 -2.94
O4 SO4 C . -11.44 -10.61 -0.73
S SO4 D . 2.18 21.82 -8.86
O1 SO4 D . 2.71 23.17 -8.55
O2 SO4 D . 3.11 21.11 -9.77
O3 SO4 D . 0.84 21.93 -9.51
O4 SO4 D . 2.06 21.06 -7.59
S SO4 E . -7.66 4.42 -13.50
O1 SO4 E . -8.95 3.85 -13.03
O2 SO4 E . -7.59 5.87 -13.21
O3 SO4 E . -7.54 4.23 -14.97
O4 SO4 E . -6.54 3.69 -12.84
C1 EDO F . -27.92 -0.21 -19.52
O1 EDO F . -27.30 -0.25 -18.22
C2 EDO F . -27.16 0.76 -20.42
O2 EDO F . -26.21 0.05 -21.24
C1 EDO G . 3.04 26.83 -23.79
O1 EDO G . 2.45 27.51 -24.91
C2 EDO G . 2.81 25.32 -23.95
O2 EDO G . 2.74 25.01 -25.34
S SO4 H . 5.42 -5.87 13.61
O1 SO4 H . 5.32 -5.22 14.94
O2 SO4 H . 4.81 -4.94 12.63
O3 SO4 H . 4.67 -7.16 13.62
O4 SO4 H . 6.85 -6.07 13.27
S SO4 I . 23.31 -0.48 4.65
O1 SO4 I . 23.34 0.80 5.41
O2 SO4 I . 24.36 -0.46 3.60
O3 SO4 I . 21.99 -0.64 4.01
O4 SO4 I . 23.57 -1.62 5.57
S SO4 J . -11.47 -9.43 5.77
O1 SO4 J . -12.31 -8.29 5.34
O2 SO4 J . -10.04 -9.13 5.54
O3 SO4 J . -11.84 -10.65 5.02
O4 SO4 J . -11.73 -9.67 7.21
C1 GOL K . 10.07 -5.71 21.27
O1 GOL K . 11.27 -6.50 21.31
C2 GOL K . 10.28 -4.35 20.61
O2 GOL K . 10.56 -3.38 21.61
C3 GOL K . 9.05 -3.88 19.83
O3 GOL K . 7.85 -4.41 20.41
C1 GOL L . -2.70 12.56 2.04
O1 GOL L . -3.58 13.47 2.72
C2 GOL L . -2.27 11.45 3.01
O2 GOL L . -2.10 11.99 4.33
C3 GOL L . -0.98 10.79 2.52
O3 GOL L . -0.83 9.49 3.10
C1 EDO M . -1.03 -23.99 23.75
O1 EDO M . -2.02 -23.07 23.25
C2 EDO M . 0.19 -23.26 24.33
O2 EDO M . -0.20 -22.19 25.20
#